data_4B9Z
#
_entry.id   4B9Z
#
_cell.length_a   196.880
_cell.length_b   196.880
_cell.length_c   102.760
_cell.angle_alpha   90.00
_cell.angle_beta   90.00
_cell.angle_gamma   120.00
#
_symmetry.space_group_name_H-M   'P 6 2 2'
#
loop_
_entity.id
_entity.type
_entity.pdbx_description
1 polymer 'ALPHA-GLUCOSIDASE, PUTATIVE, ADG31B'
2 branched 4,6-dideoxy-4-{[(1S,4R,5S,6S)-4,5,6-trihydroxy-3-(hydroxymethyl)cyclohex-2-en-1-yl]amino}-alpha-D-glucopyranose-(1-4)-alpha-D-glucopyranose-(1-4)-alpha-D-glucopyranose
3 non-polymer 'SULFATE ION'
4 non-polymer 'OXALATE ION'
5 non-polymer DI(HYDROXYETHYL)ETHER
6 non-polymer 1,2-ETHANEDIOL
7 water water
#
_entity_poly.entity_id   1
_entity_poly.type   'polypeptide(L)'
_entity_poly.pdbx_seq_one_letter_code
;MFRRIAGFSPIFLMLFGSSLPTMGNPVKREIHPDAVFYKEHKLRNDGLVITTNQGNIRLQFKSEAAIEVLYRADSKQLPS
FALAQPESAIKAQLTETENHLQFSGGTLTARIQKRPFAISYYRDSELLLAEESGFQVNTDKINFRFYLSPGEKILGGGQR
ILGMDRRGQRFPLYNRAHYGYSDHSGQMYFGLPAIMSSKQYILVFDNSASGAMDIGKTESDILQLEAKSGRSAYILVAGN
SYPSLIENFTQVTGRQPLPPRWALGSFASRFGYRSEAETRATVQKYKTEDFPLDTIVLDLYWFGKDIKGHMGNLDWDKEN
FPTPLDMMADFKQQGVKTVLITEPFVLTSSKRWDDAVKAKALAKDPQGQPKAFELYFGNGGIIDVFSKEGSRWFSSIYKD
LSKQGVAGWWGDLGEPEMHPEDTQHAIGDADTVHNAYGHRWAEMLYQQQLDQFPELRPFIMMRAGFVGSQRYGMIPWTGD
VSRTWGGLASQVELALQMSLLGFGYIHSDLGGFADGETLDKEMYIRWLQYGVFQPVYRPHGQDHIPSEPVFQDEETKAIL
RPLVKLRYRMLPYIYTAAYQNTLTGMPLMRPLFFSDEKNPALIDNKTSYFWGDSLLVTPITQAGVESVSIPAPKGVWFDF
WKDTRYQTDGAPLTLPTDLHTIPVLVKAGAFMPYVPAVSTTEDYRSDSLEIHYYADASVPLAQGEIFEDDGKDPNSIKRN
QFDLLTLQATHTDNQLHFQLARTGKGYRGMPERRATTLVIHNASDQYQHLDINGKTIAIAQADCASTPALACYDQERRQL
QLVFTWGREALNLRLHK
;
_entity_poly.pdbx_strand_id   A
#
loop_
_chem_comp.id
_chem_comp.type
_chem_comp.name
_chem_comp.formula
AC1 D-saccharide 4,6-dideoxy-4-{[(1S,4R,5S,6S)-4,5,6-trihydroxy-3-(hydroxymethyl)cyclohex-2-en-1-yl]amino}-alpha-D-glucopyranose 'C13 H23 N O8'
EDO non-polymer 1,2-ETHANEDIOL 'C2 H6 O2'
GLC D-saccharide, alpha linking alpha-D-glucopyranose 'C6 H12 O6'
OXL non-polymer 'OXALATE ION' 'C2 O4 -2'
PEG non-polymer DI(HYDROXYETHYL)ETHER 'C4 H10 O3'
SO4 non-polymer 'SULFATE ION' 'O4 S -2'
#
# COMPACT_ATOMS: atom_id res chain seq x y z
N ALA A 35 17.32 -20.10 -33.23
CA ALA A 35 18.05 -19.11 -34.01
C ALA A 35 17.14 -17.99 -34.51
N VAL A 36 17.29 -16.80 -33.93
CA VAL A 36 16.48 -15.65 -34.29
C VAL A 36 17.37 -14.54 -34.85
N PHE A 37 16.91 -13.88 -35.91
CA PHE A 37 17.65 -12.76 -36.47
C PHE A 37 16.75 -11.68 -37.05
N TYR A 38 17.26 -10.45 -37.04
CA TYR A 38 16.56 -9.30 -37.62
C TYR A 38 16.38 -9.45 -39.12
N LYS A 39 15.22 -9.07 -39.63
CA LYS A 39 15.00 -9.03 -41.08
C LYS A 39 14.66 -7.62 -41.55
N GLU A 40 13.77 -6.94 -40.83
CA GLU A 40 13.38 -5.58 -41.19
C GLU A 40 12.51 -4.92 -40.13
N HIS A 41 12.37 -3.59 -40.23
CA HIS A 41 11.54 -2.83 -39.29
C HIS A 41 10.71 -1.76 -40.00
N LYS A 42 9.79 -1.17 -39.25
CA LYS A 42 8.87 -0.14 -39.73
C LYS A 42 8.54 0.75 -38.55
N LEU A 43 8.81 2.04 -38.68
CA LEU A 43 8.59 2.97 -37.57
C LEU A 43 7.31 3.76 -37.79
N ARG A 44 6.18 3.14 -37.45
CA ARG A 44 4.88 3.76 -37.59
C ARG A 44 3.87 3.06 -36.69
N ASN A 45 3.36 3.73 -35.66
CA ASN A 45 3.63 5.13 -35.34
C ASN A 45 2.82 5.45 -34.09
N ASP A 46 3.47 5.84 -32.98
CA ASP A 46 4.91 6.06 -32.87
C ASP A 46 5.67 4.80 -32.44
N GLY A 47 5.20 3.63 -32.83
CA GLY A 47 5.80 2.40 -32.38
C GLY A 47 6.79 1.78 -33.35
N LEU A 48 7.79 1.08 -32.81
CA LEU A 48 8.74 0.35 -33.65
C LEU A 48 8.25 -1.07 -33.86
N VAL A 49 8.04 -1.44 -35.12
CA VAL A 49 7.62 -2.80 -35.44
C VAL A 49 8.75 -3.52 -36.15
N ILE A 50 9.33 -4.50 -35.47
CA ILE A 50 10.46 -5.25 -36.01
C ILE A 50 9.99 -6.62 -36.53
N THR A 51 10.53 -7.02 -37.67
CA THR A 51 10.28 -8.36 -38.18
C THR A 51 11.57 -9.19 -38.07
N THR A 52 11.50 -10.30 -37.36
CA THR A 52 12.60 -11.26 -37.33
C THR A 52 12.19 -12.45 -38.18
N ASN A 53 13.04 -13.46 -38.26
CA ASN A 53 12.69 -14.70 -38.93
C ASN A 53 11.59 -15.43 -38.16
N GLN A 54 11.35 -15.03 -36.92
CA GLN A 54 10.33 -15.73 -36.14
C GLN A 54 8.99 -15.01 -36.01
N GLY A 55 8.97 -13.72 -36.37
CA GLY A 55 7.73 -12.96 -36.35
C GLY A 55 7.91 -11.48 -36.05
N ASN A 56 6.82 -10.81 -35.67
CA ASN A 56 6.86 -9.38 -35.39
C ASN A 56 6.93 -9.03 -33.90
N ILE A 57 7.70 -7.98 -33.60
CA ILE A 57 7.85 -7.46 -32.25
C ILE A 57 7.52 -5.97 -32.27
N ARG A 58 6.67 -5.53 -31.36
CA ARG A 58 6.28 -4.11 -31.30
C ARG A 58 6.84 -3.46 -30.04
N LEU A 59 7.58 -2.37 -30.21
CA LEU A 59 8.12 -1.62 -29.09
C LEU A 59 7.45 -0.26 -29.03
N GLN A 60 6.92 0.08 -27.86
CA GLN A 60 6.28 1.38 -27.67
C GLN A 60 6.64 1.95 -26.30
N PHE A 61 7.13 3.18 -26.30
CA PHE A 61 7.41 3.88 -25.06
C PHE A 61 6.10 4.38 -24.48
N LYS A 62 5.82 3.98 -23.25
CA LYS A 62 4.62 4.46 -22.55
C LYS A 62 4.97 5.74 -21.79
N SER A 63 6.27 6.03 -21.74
CA SER A 63 6.78 7.28 -21.18
C SER A 63 8.26 7.40 -21.54
N GLU A 64 8.89 8.48 -21.11
CA GLU A 64 10.31 8.66 -21.40
C GLU A 64 11.18 7.62 -20.68
N ALA A 65 10.59 6.94 -19.69
CA ALA A 65 11.36 6.00 -18.87
C ALA A 65 10.84 4.56 -18.91
N ALA A 66 9.85 4.30 -19.76
CA ALA A 66 9.19 2.99 -19.73
C ALA A 66 8.83 2.49 -21.13
N ILE A 67 9.20 1.25 -21.43
CA ILE A 67 8.95 0.69 -22.74
C ILE A 67 8.15 -0.61 -22.64
N GLU A 68 7.14 -0.74 -23.51
CA GLU A 68 6.40 -1.97 -23.66
C GLU A 68 6.96 -2.74 -24.85
N VAL A 69 7.24 -4.03 -24.65
CA VAL A 69 7.80 -4.89 -25.69
C VAL A 69 6.89 -6.09 -25.94
N LEU A 70 6.19 -6.08 -27.07
CA LEU A 70 5.22 -7.10 -27.39
C LEU A 70 5.72 -8.03 -28.48
N TYR A 71 5.97 -9.29 -28.13
CA TYR A 71 6.33 -10.31 -29.11
C TYR A 71 5.06 -10.94 -29.68
N ARG A 72 5.21 -11.73 -30.74
CA ARG A 72 4.05 -12.22 -31.49
C ARG A 72 3.07 -11.10 -31.80
N ALA A 73 3.59 -9.92 -32.09
CA ALA A 73 2.76 -8.72 -32.21
C ALA A 73 1.70 -8.86 -33.27
N ASP A 74 1.96 -9.74 -34.23
CA ASP A 74 1.11 -9.90 -35.40
C ASP A 74 -0.16 -10.71 -35.12
N SER A 75 -0.18 -11.40 -33.98
CA SER A 75 -1.33 -12.24 -33.63
C SER A 75 -2.23 -11.58 -32.61
N LYS A 76 -3.43 -12.11 -32.44
CA LYS A 76 -4.36 -11.58 -31.44
C LYS A 76 -4.09 -12.21 -30.08
N GLN A 77 -3.95 -11.36 -29.07
CA GLN A 77 -3.62 -11.77 -27.72
C GLN A 77 -4.50 -11.01 -26.73
N LEU A 78 -4.49 -11.44 -25.47
CA LEU A 78 -5.11 -10.64 -24.42
C LEU A 78 -4.44 -9.28 -24.37
N PRO A 79 -5.19 -8.25 -24.00
CA PRO A 79 -4.61 -6.91 -23.87
C PRO A 79 -3.72 -6.81 -22.64
N SER A 80 -3.00 -5.70 -22.53
CA SER A 80 -2.24 -5.41 -21.34
C SER A 80 -3.18 -5.24 -20.14
N PHE A 81 -2.76 -5.72 -18.98
CA PHE A 81 -3.48 -5.44 -17.74
C PHE A 81 -2.67 -4.47 -16.89
N ALA A 82 -1.35 -4.54 -17.01
CA ALA A 82 -0.46 -3.74 -16.18
C ALA A 82 -0.51 -2.24 -16.50
N LEU A 83 -0.80 -1.89 -17.74
CA LEU A 83 -0.71 -0.48 -18.15
C LEU A 83 -1.99 0.28 -17.90
N ALA A 84 -1.86 1.51 -17.38
CA ALA A 84 -3.01 2.36 -17.16
C ALA A 84 -3.49 2.97 -18.47
N GLN A 85 -2.56 3.23 -19.39
CA GLN A 85 -2.88 3.72 -20.73
C GLN A 85 -2.22 2.82 -21.77
N PRO A 86 -2.81 1.64 -22.00
CA PRO A 86 -2.16 0.64 -22.84
C PRO A 86 -1.95 1.09 -24.27
N GLU A 87 -2.78 2.01 -24.76
CA GLU A 87 -2.66 2.50 -26.13
C GLU A 87 -1.68 3.66 -26.31
N SER A 88 -0.99 4.04 -25.25
CA SER A 88 0.00 5.13 -25.32
C SER A 88 1.25 4.76 -26.13
N ALA A 89 1.83 5.76 -26.78
CA ALA A 89 3.11 5.62 -27.47
C ALA A 89 3.70 7.01 -27.71
N ILE A 90 4.70 7.37 -26.91
CA ILE A 90 5.28 8.71 -27.02
C ILE A 90 6.40 8.75 -28.06
N LYS A 91 6.70 9.95 -28.55
CA LYS A 91 7.69 10.13 -29.59
C LYS A 91 9.08 9.68 -29.15
N ALA A 92 9.65 8.72 -29.86
CA ALA A 92 10.99 8.24 -29.59
C ALA A 92 11.90 8.47 -30.81
N GLN A 93 13.21 8.41 -30.59
CA GLN A 93 14.14 8.53 -31.69
C GLN A 93 14.68 7.15 -32.08
N LEU A 94 14.70 6.88 -33.37
CA LEU A 94 15.24 5.64 -33.89
C LEU A 94 16.50 5.90 -34.71
N THR A 95 17.57 5.18 -34.40
CA THR A 95 18.80 5.26 -35.18
C THR A 95 19.29 3.87 -35.52
N GLU A 96 19.94 3.73 -36.67
CA GLU A 96 20.34 2.42 -37.16
C GLU A 96 21.83 2.37 -37.50
N THR A 97 22.47 1.26 -37.11
CA THR A 97 23.84 0.97 -37.50
C THR A 97 23.86 -0.38 -38.21
N GLU A 98 25.05 -0.82 -38.61
CA GLU A 98 25.17 -2.07 -39.34
C GLU A 98 24.60 -3.24 -38.54
N ASN A 99 24.93 -3.27 -37.25
CA ASN A 99 24.59 -4.41 -36.41
C ASN A 99 23.51 -4.15 -35.36
N HIS A 100 23.04 -2.91 -35.27
CA HIS A 100 22.07 -2.55 -34.25
C HIS A 100 21.00 -1.55 -34.70
N LEU A 101 19.90 -1.54 -33.95
CA LEU A 101 18.95 -0.44 -34.00
C LEU A 101 18.92 0.14 -32.60
N GLN A 102 18.68 1.44 -32.50
CA GLN A 102 18.50 2.08 -31.21
C GLN A 102 17.18 2.83 -31.16
N PHE A 103 16.33 2.48 -30.19
CA PHE A 103 15.05 3.12 -30.00
C PHE A 103 15.03 3.78 -28.63
N SER A 104 15.15 5.11 -28.64
CA SER A 104 15.44 5.83 -27.41
C SER A 104 14.34 6.83 -27.01
N GLY A 105 13.93 6.75 -25.76
CA GLY A 105 13.09 7.77 -25.17
C GLY A 105 13.94 8.72 -24.35
N GLY A 106 13.31 9.62 -23.63
CA GLY A 106 14.01 10.56 -22.77
C GLY A 106 15.17 9.97 -21.98
N THR A 107 14.90 9.00 -21.12
CA THR A 107 15.94 8.44 -20.26
C THR A 107 16.28 6.98 -20.59
N LEU A 108 15.28 6.24 -21.08
CA LEU A 108 15.46 4.82 -21.38
C LEU A 108 15.73 4.56 -22.87
N THR A 109 16.70 3.70 -23.14
CA THR A 109 17.02 3.33 -24.51
C THR A 109 17.04 1.81 -24.69
N ALA A 110 16.37 1.35 -25.74
CA ALA A 110 16.42 -0.06 -26.12
C ALA A 110 17.47 -0.24 -27.19
N ARG A 111 18.43 -1.13 -26.95
CA ARG A 111 19.43 -1.45 -27.96
C ARG A 111 19.13 -2.80 -28.56
N ILE A 112 18.88 -2.80 -29.87
CA ILE A 112 18.44 -3.99 -30.57
C ILE A 112 19.55 -4.54 -31.44
N GLN A 113 20.16 -5.63 -30.99
CA GLN A 113 21.21 -6.31 -31.74
C GLN A 113 20.56 -7.15 -32.83
N LYS A 114 21.09 -7.08 -34.04
CA LYS A 114 20.44 -7.72 -35.18
C LYS A 114 20.72 -9.22 -35.25
N ARG A 115 21.98 -9.63 -35.08
CA ARG A 115 22.34 -11.04 -35.22
C ARG A 115 23.41 -11.45 -34.22
N PRO A 116 23.08 -12.39 -33.32
CA PRO A 116 21.73 -12.94 -33.13
C PRO A 116 20.81 -11.86 -32.61
N PHE A 117 19.51 -12.05 -32.71
CA PHE A 117 18.58 -11.04 -32.24
C PHE A 117 18.53 -11.00 -30.71
N ALA A 118 18.78 -9.82 -30.15
CA ALA A 118 18.69 -9.64 -28.70
C ALA A 118 18.51 -8.18 -28.40
N ILE A 119 17.58 -7.87 -27.48
CA ILE A 119 17.35 -6.50 -27.06
C ILE A 119 17.93 -6.28 -25.67
N SER A 120 18.60 -5.15 -25.48
CA SER A 120 19.10 -4.78 -24.17
C SER A 120 18.66 -3.35 -23.84
N TYR A 121 18.62 -3.04 -22.54
CA TYR A 121 18.04 -1.78 -22.10
C TYR A 121 19.05 -0.96 -21.31
N TYR A 122 19.11 0.33 -21.63
CA TYR A 122 20.09 1.24 -21.07
C TYR A 122 19.45 2.51 -20.50
N ARG A 123 19.98 2.96 -19.37
CA ARG A 123 19.63 4.27 -18.81
C ARG A 123 20.92 5.07 -18.85
N ASP A 124 20.93 6.14 -19.62
CA ASP A 124 22.18 6.79 -19.99
C ASP A 124 22.98 5.83 -20.85
N SER A 125 24.17 5.50 -20.37
CA SER A 125 25.05 4.55 -21.03
C SER A 125 25.18 3.29 -20.19
N GLU A 126 24.39 3.19 -19.13
CA GLU A 126 24.47 2.07 -18.20
C GLU A 126 23.49 0.94 -18.55
N LEU A 127 24.03 -0.24 -18.79
CA LEU A 127 23.20 -1.39 -19.11
C LEU A 127 22.33 -1.76 -17.92
N LEU A 128 21.03 -1.87 -18.15
CA LEU A 128 20.10 -2.24 -17.09
C LEU A 128 19.86 -3.73 -17.14
N LEU A 129 19.47 -4.21 -18.32
CA LEU A 129 19.03 -5.59 -18.49
C LEU A 129 19.21 -5.98 -19.95
N ALA A 130 19.70 -7.20 -20.16
CA ALA A 130 19.86 -7.74 -21.51
C ALA A 130 19.12 -9.06 -21.67
N GLU A 131 18.38 -9.18 -22.77
CA GLU A 131 17.83 -10.45 -23.16
C GLU A 131 18.97 -11.43 -23.38
N GLU A 132 18.74 -12.69 -23.01
CA GLU A 132 19.62 -13.77 -23.40
C GLU A 132 19.00 -14.33 -24.67
N SER A 133 18.28 -15.45 -24.54
CA SER A 133 17.51 -15.98 -25.66
C SER A 133 16.27 -15.14 -25.94
N GLY A 134 15.90 -14.31 -24.97
CA GLY A 134 14.72 -13.47 -25.12
C GLY A 134 13.45 -14.29 -25.21
N PHE A 135 12.62 -13.99 -26.19
CA PHE A 135 11.34 -14.68 -26.36
C PHE A 135 11.46 -16.06 -27.03
N GLN A 136 10.78 -17.05 -26.45
CA GLN A 136 10.70 -18.37 -27.07
C GLN A 136 9.36 -19.09 -26.82
N VAL A 137 9.02 -19.98 -27.75
CA VAL A 137 7.85 -20.87 -27.63
C VAL A 137 8.30 -22.33 -27.51
N LYS A 141 4.60 -22.55 -22.57
CA LYS A 141 4.72 -22.27 -23.99
C LYS A 141 5.33 -20.89 -24.27
N ILE A 142 5.04 -19.89 -23.45
CA ILE A 142 5.71 -18.60 -23.58
C ILE A 142 6.87 -18.46 -22.59
N ASN A 143 8.00 -18.01 -23.10
CA ASN A 143 9.24 -18.03 -22.35
C ASN A 143 10.10 -16.80 -22.66
N PHE A 144 10.48 -16.07 -21.61
CA PHE A 144 11.45 -14.98 -21.75
C PHE A 144 12.69 -15.29 -20.93
N ARG A 145 13.86 -15.14 -21.54
CA ARG A 145 15.13 -15.35 -20.85
C ARG A 145 16.03 -14.11 -20.91
N PHE A 146 16.47 -13.63 -19.74
CA PHE A 146 17.36 -12.47 -19.63
C PHE A 146 18.61 -12.83 -18.84
N TYR A 147 19.72 -12.15 -19.13
CA TYR A 147 20.91 -12.24 -18.29
C TYR A 147 20.72 -11.45 -17.00
N LEU A 148 21.24 -11.97 -15.90
CA LEU A 148 21.37 -11.22 -14.66
C LEU A 148 22.84 -10.86 -14.50
N SER A 149 23.11 -9.66 -14.00
CA SER A 149 24.49 -9.22 -13.76
C SER A 149 25.03 -9.88 -12.50
N PRO A 150 26.36 -10.02 -12.41
CA PRO A 150 26.87 -10.56 -11.15
C PRO A 150 26.61 -9.56 -10.03
N GLY A 151 26.16 -10.07 -8.89
CA GLY A 151 25.96 -9.22 -7.73
C GLY A 151 24.67 -8.42 -7.77
N GLU A 152 23.98 -8.44 -8.90
CA GLU A 152 22.68 -7.79 -9.02
C GLU A 152 21.72 -8.43 -8.02
N LYS A 153 21.06 -7.62 -7.20
CA LYS A 153 20.07 -8.12 -6.25
C LYS A 153 18.65 -7.88 -6.77
N ILE A 154 17.77 -8.86 -6.58
CA ILE A 154 16.45 -8.81 -7.21
C ILE A 154 15.29 -8.95 -6.21
N LEU A 155 14.55 -7.86 -5.99
CA LEU A 155 13.30 -7.94 -5.22
C LEU A 155 12.16 -8.22 -6.18
N GLY A 156 11.02 -8.65 -5.65
CA GLY A 156 9.85 -8.82 -6.51
C GLY A 156 9.09 -10.12 -6.32
N GLY A 157 8.11 -10.34 -7.20
CA GLY A 157 7.28 -11.53 -7.14
C GLY A 157 6.06 -11.32 -6.25
N GLY A 158 5.98 -10.14 -5.63
CA GLY A 158 4.89 -9.84 -4.72
C GLY A 158 5.03 -10.60 -3.42
N GLN A 159 3.91 -11.16 -2.94
CA GLN A 159 3.93 -11.85 -1.66
C GLN A 159 4.65 -13.19 -1.75
N ARG A 160 5.85 -13.22 -1.17
CA ARG A 160 6.57 -14.46 -0.89
C ARG A 160 7.30 -14.20 0.43
N ILE A 161 7.56 -15.27 1.20
CA ILE A 161 8.42 -15.14 2.37
C ILE A 161 9.67 -15.96 2.11
N LEU A 162 10.68 -15.31 1.54
CA LEU A 162 11.84 -15.98 0.98
C LEU A 162 13.13 -15.21 1.25
N GLY A 163 12.98 -14.01 1.81
CA GLY A 163 14.08 -13.06 1.89
C GLY A 163 13.85 -11.94 0.89
N MET A 164 14.31 -10.74 1.22
CA MET A 164 14.05 -9.56 0.38
C MET A 164 14.61 -9.69 -1.03
N ASP A 165 15.83 -10.21 -1.13
CA ASP A 165 16.48 -10.45 -2.42
C ASP A 165 16.09 -11.86 -2.84
N ARG A 166 15.29 -11.97 -3.91
CA ARG A 166 14.73 -13.25 -4.32
C ARG A 166 15.60 -13.98 -5.34
N ARG A 167 16.74 -13.38 -5.66
CA ARG A 167 17.67 -14.05 -6.57
C ARG A 167 18.07 -15.40 -5.97
N GLY A 168 18.18 -16.42 -6.82
CA GLY A 168 18.46 -17.76 -6.35
C GLY A 168 17.18 -18.53 -6.08
N GLN A 169 16.04 -17.87 -6.24
CA GLN A 169 14.74 -18.51 -6.00
C GLN A 169 13.95 -18.69 -7.31
N ARG A 170 13.13 -19.73 -7.36
CA ARG A 170 12.13 -19.83 -8.42
C ARG A 170 10.78 -20.15 -7.80
N PHE A 171 9.71 -19.68 -8.43
CA PHE A 171 8.38 -19.86 -7.87
C PHE A 171 7.31 -19.63 -8.93
N PRO A 172 6.11 -20.18 -8.71
CA PRO A 172 5.00 -20.04 -9.66
C PRO A 172 4.46 -18.61 -9.69
N LEU A 173 3.95 -18.21 -10.85
CA LEU A 173 3.06 -17.05 -10.94
C LEU A 173 1.63 -17.58 -11.02
N TYR A 174 1.03 -17.82 -9.86
CA TYR A 174 -0.32 -18.35 -9.79
C TYR A 174 -0.90 -18.01 -8.42
N ASN A 175 -1.71 -16.94 -8.36
CA ASN A 175 -2.29 -16.51 -7.10
C ASN A 175 -2.97 -17.67 -6.40
N ARG A 176 -2.70 -17.84 -5.11
CA ARG A 176 -3.16 -19.03 -4.42
C ARG A 176 -3.16 -18.83 -2.92
N ALA A 177 -4.16 -19.35 -2.24
CA ALA A 177 -4.23 -19.19 -0.80
C ALA A 177 -3.12 -19.96 -0.11
N HIS A 178 -2.66 -19.44 1.01
CA HIS A 178 -1.69 -20.15 1.83
C HIS A 178 -2.15 -20.04 3.27
N TYR A 179 -3.16 -20.83 3.61
CA TYR A 179 -3.77 -20.70 4.92
C TYR A 179 -2.76 -20.99 6.03
N GLY A 180 -2.69 -20.08 7.01
CA GLY A 180 -1.90 -20.34 8.21
C GLY A 180 -0.40 -20.28 7.98
N TYR A 181 0.03 -19.54 6.96
CA TYR A 181 1.45 -19.38 6.70
C TYR A 181 2.11 -18.68 7.88
N SER A 182 3.41 -18.88 8.04
CA SER A 182 4.15 -18.25 9.11
CA SER A 182 4.13 -18.20 9.10
C SER A 182 5.42 -17.60 8.58
N ASP A 183 6.50 -18.40 8.57
CA ASP A 183 7.83 -17.87 8.22
C ASP A 183 8.38 -18.27 6.85
N HIS A 184 7.55 -18.84 6.01
CA HIS A 184 8.01 -19.21 4.67
C HIS A 184 6.87 -19.38 3.69
N SER A 185 7.08 -18.91 2.47
CA SER A 185 6.14 -19.15 1.41
C SER A 185 6.72 -18.79 0.05
N GLY A 186 6.67 -19.73 -0.88
CA GLY A 186 7.04 -19.43 -2.25
C GLY A 186 5.84 -19.11 -3.14
N GLN A 187 4.64 -19.16 -2.55
CA GLN A 187 3.41 -18.95 -3.33
C GLN A 187 2.28 -18.58 -2.39
N MET A 188 1.72 -17.37 -2.53
CA MET A 188 0.55 -17.00 -1.71
C MET A 188 -0.49 -16.17 -2.49
N TYR A 189 -1.35 -15.46 -1.77
CA TYR A 189 -2.54 -14.81 -2.33
C TYR A 189 -2.28 -13.90 -3.51
N PHE A 190 -1.24 -13.08 -3.38
CA PHE A 190 -1.08 -11.94 -4.27
C PHE A 190 0.34 -11.88 -4.79
N GLY A 191 0.60 -12.66 -5.85
CA GLY A 191 1.85 -12.59 -6.55
C GLY A 191 1.82 -11.41 -7.52
N LEU A 192 2.99 -10.92 -7.88
CA LEU A 192 3.12 -9.94 -8.94
C LEU A 192 4.18 -10.43 -9.93
N PRO A 193 3.85 -10.44 -11.23
CA PRO A 193 4.83 -10.82 -12.25
C PRO A 193 5.77 -9.66 -12.53
N ALA A 194 6.52 -9.25 -11.51
CA ALA A 194 7.37 -8.07 -11.63
C ALA A 194 8.55 -8.15 -10.66
N ILE A 195 9.67 -7.58 -11.07
CA ILE A 195 10.83 -7.47 -10.18
C ILE A 195 11.38 -6.05 -10.12
N MET A 196 12.05 -5.74 -9.03
CA MET A 196 12.81 -4.50 -8.90
C MET A 196 14.26 -4.87 -8.66
N SER A 197 15.15 -4.30 -9.46
CA SER A 197 16.57 -4.65 -9.36
C SER A 197 17.39 -3.57 -8.68
N SER A 198 18.50 -3.98 -8.07
CA SER A 198 19.44 -3.02 -7.48
C SER A 198 20.10 -2.18 -8.59
N LYS A 199 19.86 -2.55 -9.84
CA LYS A 199 20.27 -1.72 -10.98
C LYS A 199 19.26 -0.60 -11.20
N GLN A 200 18.25 -0.56 -10.34
CA GLN A 200 17.20 0.48 -10.39
C GLN A 200 16.37 0.47 -11.67
N TYR A 201 15.89 -0.72 -12.04
CA TYR A 201 14.83 -0.85 -13.02
C TYR A 201 13.74 -1.73 -12.44
N ILE A 202 12.56 -1.66 -13.05
CA ILE A 202 11.48 -2.58 -12.73
C ILE A 202 11.09 -3.27 -14.02
N LEU A 203 11.00 -4.60 -13.97
CA LEU A 203 10.57 -5.41 -15.11
C LEU A 203 9.21 -6.03 -14.82
N VAL A 204 8.24 -5.79 -15.70
CA VAL A 204 6.92 -6.39 -15.56
C VAL A 204 6.64 -7.40 -16.70
N PHE A 205 6.26 -8.62 -16.33
CA PHE A 205 5.79 -9.64 -17.28
C PHE A 205 4.29 -9.40 -17.38
N ASP A 206 3.86 -8.76 -18.47
CA ASP A 206 2.47 -8.27 -18.58
C ASP A 206 1.56 -9.39 -19.02
N ASN A 207 1.48 -10.42 -18.19
CA ASN A 207 0.84 -11.68 -18.54
C ASN A 207 0.03 -12.18 -17.36
N SER A 208 -1.19 -12.62 -17.65
CA SER A 208 -2.17 -12.93 -16.61
C SER A 208 -2.28 -14.41 -16.31
N ALA A 209 -1.50 -15.22 -17.02
CA ALA A 209 -1.70 -16.67 -17.00
C ALA A 209 -0.89 -17.40 -15.93
N SER A 210 -1.31 -18.63 -15.64
CA SER A 210 -0.50 -19.54 -14.84
C SER A 210 0.90 -19.58 -15.43
N GLY A 211 1.90 -19.28 -14.61
CA GLY A 211 3.27 -19.13 -15.08
C GLY A 211 4.30 -19.36 -14.00
N ALA A 212 5.50 -18.82 -14.18
CA ALA A 212 6.59 -19.05 -13.24
C ALA A 212 7.70 -18.03 -13.41
N MET A 213 8.47 -17.83 -12.34
CA MET A 213 9.61 -16.93 -12.37
C MET A 213 10.81 -17.66 -11.78
N ASP A 214 11.92 -17.63 -12.50
CA ASP A 214 13.13 -18.33 -12.08
C ASP A 214 14.22 -17.27 -12.05
N ILE A 215 14.51 -16.77 -10.86
CA ILE A 215 15.44 -15.66 -10.72
C ILE A 215 16.86 -16.15 -10.47
N GLY A 216 17.48 -16.68 -11.53
CA GLY A 216 18.84 -17.20 -11.44
C GLY A 216 18.94 -18.38 -10.50
N LYS A 217 17.90 -19.19 -10.43
CA LYS A 217 17.99 -20.43 -9.66
C LYS A 217 18.56 -21.57 -10.48
N THR A 218 17.85 -21.96 -11.54
CA THR A 218 18.29 -23.05 -12.41
C THR A 218 19.64 -22.75 -13.04
N GLU A 219 19.77 -21.53 -13.57
CA GLU A 219 21.03 -21.07 -14.14
C GLU A 219 21.43 -19.75 -13.47
N SER A 220 22.60 -19.73 -12.85
CA SER A 220 23.04 -18.61 -12.00
C SER A 220 22.88 -17.23 -12.60
N ASP A 221 23.10 -17.12 -13.91
CA ASP A 221 23.10 -15.82 -14.56
C ASP A 221 21.85 -15.58 -15.44
N ILE A 222 20.81 -16.37 -15.21
CA ILE A 222 19.61 -16.29 -16.03
C ILE A 222 18.32 -16.01 -15.24
N LEU A 223 17.62 -14.96 -15.66
CA LEU A 223 16.26 -14.69 -15.22
C LEU A 223 15.30 -15.24 -16.28
N GLN A 224 14.46 -16.19 -15.89
CA GLN A 224 13.51 -16.78 -16.84
C GLN A 224 12.08 -16.52 -16.39
N LEU A 225 11.26 -16.02 -17.32
CA LEU A 225 9.83 -15.84 -17.11
C LEU A 225 9.07 -16.84 -17.99
N GLU A 226 8.09 -17.54 -17.41
CA GLU A 226 7.32 -18.52 -18.18
C GLU A 226 5.83 -18.34 -17.95
N ALA A 227 5.03 -18.71 -18.96
CA ALA A 227 3.58 -18.81 -18.81
C ALA A 227 2.98 -19.83 -19.78
N LYS A 228 1.89 -20.48 -19.37
CA LYS A 228 1.26 -21.52 -20.18
C LYS A 228 0.54 -20.91 -21.39
N SER A 229 0.19 -19.64 -21.27
CA SER A 229 -0.58 -18.96 -22.31
C SER A 229 -0.61 -17.48 -22.01
N GLY A 230 -1.51 -16.75 -22.63
CA GLY A 230 -1.65 -15.33 -22.35
C GLY A 230 -0.74 -14.45 -23.18
N ARG A 231 -0.67 -13.17 -22.80
CA ARG A 231 0.05 -12.14 -23.55
C ARG A 231 1.57 -12.32 -23.47
N SER A 232 2.23 -12.25 -24.63
CA SER A 232 3.69 -12.35 -24.67
C SER A 232 4.34 -10.97 -24.73
N ALA A 233 4.34 -10.28 -23.59
CA ALA A 233 4.86 -8.93 -23.50
C ALA A 233 5.57 -8.71 -22.17
N TYR A 234 6.56 -7.83 -22.18
CA TYR A 234 7.09 -7.32 -20.93
C TYR A 234 7.29 -5.81 -21.01
N ILE A 235 7.39 -5.19 -19.83
CA ILE A 235 7.53 -3.74 -19.71
C ILE A 235 8.73 -3.46 -18.84
N LEU A 236 9.63 -2.62 -19.32
CA LEU A 236 10.76 -2.22 -18.49
C LEU A 236 10.66 -0.75 -18.12
N VAL A 237 10.80 -0.46 -16.84
CA VAL A 237 10.75 0.90 -16.34
C VAL A 237 12.08 1.22 -15.66
N ALA A 238 12.67 2.37 -15.99
CA ALA A 238 13.93 2.79 -15.38
C ALA A 238 13.72 4.00 -14.47
N GLY A 239 14.68 4.24 -13.58
CA GLY A 239 14.66 5.39 -12.69
C GLY A 239 16.07 5.75 -12.27
N ASN A 240 16.27 6.98 -11.81
CA ASN A 240 17.60 7.43 -11.39
C ASN A 240 17.81 7.29 -9.89
N SER A 241 16.75 6.88 -9.20
CA SER A 241 16.78 6.67 -7.76
C SER A 241 15.59 5.76 -7.50
N TYR A 242 15.48 5.19 -6.30
CA TYR A 242 14.35 4.31 -6.04
C TYR A 242 13.02 5.07 -6.00
N PRO A 243 13.00 6.28 -5.41
CA PRO A 243 11.74 7.01 -5.47
C PRO A 243 11.34 7.35 -6.91
N SER A 244 12.32 7.73 -7.74
CA SER A 244 12.04 8.08 -9.12
C SER A 244 11.58 6.87 -9.92
N LEU A 245 12.22 5.73 -9.66
CA LEU A 245 11.84 4.49 -10.32
C LEU A 245 10.35 4.20 -10.05
N ILE A 246 9.97 4.31 -8.79
CA ILE A 246 8.59 4.07 -8.36
C ILE A 246 7.60 5.09 -8.90
N GLU A 247 8.03 6.35 -8.95
CA GLU A 247 7.21 7.39 -9.58
C GLU A 247 6.98 7.07 -11.06
N ASN A 248 8.03 6.62 -11.74
CA ASN A 248 7.93 6.27 -13.16
C ASN A 248 7.07 5.04 -13.38
N PHE A 249 7.19 4.09 -12.48
CA PHE A 249 6.43 2.86 -12.57
C PHE A 249 4.93 3.13 -12.37
N THR A 250 4.58 3.88 -11.32
CA THR A 250 3.16 4.17 -11.10
C THR A 250 2.62 5.15 -12.17
N GLN A 251 3.51 5.91 -12.78
CA GLN A 251 3.09 6.79 -13.87
C GLN A 251 2.45 5.95 -14.98
N VAL A 252 3.07 4.83 -15.31
CA VAL A 252 2.60 4.01 -16.42
C VAL A 252 1.64 2.88 -16.01
N THR A 253 1.74 2.42 -14.77
CA THR A 253 0.84 1.34 -14.31
C THR A 253 -0.38 1.85 -13.56
N GLY A 254 -0.32 3.09 -13.07
CA GLY A 254 -1.44 3.69 -12.38
C GLY A 254 -1.10 4.19 -10.99
N ARG A 255 -1.68 5.32 -10.61
CA ARG A 255 -1.50 5.88 -9.27
C ARG A 255 -2.75 5.60 -8.44
N GLN A 256 -2.56 5.28 -7.17
CA GLN A 256 -3.70 5.00 -6.31
C GLN A 256 -4.44 6.29 -6.00
N PRO A 257 -5.77 6.31 -6.22
CA PRO A 257 -6.55 7.48 -5.83
C PRO A 257 -6.53 7.60 -4.31
N LEU A 258 -6.52 8.81 -3.79
CA LEU A 258 -6.48 9.02 -2.35
C LEU A 258 -7.66 8.31 -1.69
N PRO A 259 -7.40 7.40 -0.75
CA PRO A 259 -8.52 6.74 -0.08
C PRO A 259 -9.31 7.73 0.76
N PRO A 260 -10.54 7.38 1.15
CA PRO A 260 -11.23 8.26 2.09
C PRO A 260 -10.40 8.30 3.37
N ARG A 261 -10.43 9.41 4.10
CA ARG A 261 -9.61 9.53 5.29
C ARG A 261 -9.97 8.47 6.33
N TRP A 262 -11.24 8.06 6.37
CA TRP A 262 -11.66 7.03 7.31
C TRP A 262 -10.92 5.70 7.15
N ALA A 263 -10.36 5.45 5.96
CA ALA A 263 -9.59 4.23 5.75
C ALA A 263 -8.35 4.17 6.63
N LEU A 264 -7.95 5.32 7.18
CA LEU A 264 -6.76 5.42 8.00
C LEU A 264 -7.09 5.28 9.50
N GLY A 265 -8.36 5.05 9.81
CA GLY A 265 -8.78 4.96 11.20
C GLY A 265 -8.85 3.54 11.72
N SER A 266 -9.53 3.37 12.85
CA SER A 266 -9.68 2.09 13.53
C SER A 266 -10.84 1.25 13.00
N PHE A 267 -10.56 0.00 12.60
CA PHE A 267 -11.58 -0.93 12.13
C PHE A 267 -11.90 -1.96 13.21
N ALA A 268 -13.18 -2.20 13.45
CA ALA A 268 -13.59 -3.37 14.23
C ALA A 268 -13.83 -4.53 13.26
N SER A 269 -13.12 -5.63 13.44
CA SER A 269 -13.34 -6.76 12.54
C SER A 269 -13.04 -8.07 13.25
N ARG A 270 -13.70 -9.13 12.81
CA ARG A 270 -13.45 -10.51 13.23
C ARG A 270 -14.07 -11.41 12.17
N PHE A 271 -13.78 -12.71 12.24
CA PHE A 271 -14.53 -13.68 11.46
C PHE A 271 -15.30 -14.51 12.47
N GLY A 272 -16.53 -14.11 12.82
CA GLY A 272 -17.22 -12.93 12.27
C GLY A 272 -18.39 -12.55 13.18
N TYR A 273 -18.89 -11.32 13.10
CA TYR A 273 -20.08 -10.95 13.89
C TYR A 273 -21.24 -11.84 13.45
N ARG A 274 -21.85 -12.56 14.38
CA ARG A 274 -22.91 -13.51 14.04
C ARG A 274 -24.28 -12.89 13.88
N SER A 275 -24.46 -11.66 14.36
CA SER A 275 -25.78 -11.07 14.34
C SER A 275 -25.71 -9.55 14.37
N GLU A 276 -26.84 -8.91 14.08
CA GLU A 276 -26.94 -7.48 14.21
C GLU A 276 -26.72 -7.09 15.68
N ALA A 277 -27.24 -7.89 16.60
CA ALA A 277 -27.04 -7.59 18.03
C ALA A 277 -25.56 -7.58 18.41
N GLU A 278 -24.81 -8.56 17.90
CA GLU A 278 -23.39 -8.67 18.22
C GLU A 278 -22.61 -7.51 17.60
N THR A 279 -23.00 -7.13 16.39
CA THR A 279 -22.38 -6.02 15.69
C THR A 279 -22.62 -4.72 16.44
N ARG A 280 -23.86 -4.48 16.83
CA ARG A 280 -24.18 -3.28 17.59
C ARG A 280 -23.46 -3.30 18.95
N ALA A 281 -23.32 -4.48 19.55
CA ALA A 281 -22.66 -4.58 20.86
C ALA A 281 -21.18 -4.25 20.75
N THR A 282 -20.59 -4.58 19.60
CA THR A 282 -19.18 -4.32 19.37
C THR A 282 -18.94 -2.84 19.14
N VAL A 283 -19.78 -2.21 18.33
CA VAL A 283 -19.69 -0.76 18.18
C VAL A 283 -19.83 -0.11 19.57
N GLN A 284 -20.80 -0.59 20.34
CA GLN A 284 -21.02 -0.06 21.69
C GLN A 284 -19.79 -0.29 22.58
N LYS A 285 -19.13 -1.43 22.42
CA LYS A 285 -17.95 -1.74 23.24
C LYS A 285 -16.82 -0.73 22.98
N TYR A 286 -16.64 -0.34 21.72
CA TYR A 286 -15.65 0.69 21.42
C TYR A 286 -16.00 2.01 22.14
N LYS A 287 -17.29 2.36 22.17
CA LYS A 287 -17.72 3.60 22.82
C LYS A 287 -17.50 3.54 24.32
N THR A 288 -17.89 2.43 24.93
CA THR A 288 -17.79 2.31 26.38
C THR A 288 -16.34 2.06 26.86
N GLU A 289 -15.51 1.46 26.00
CA GLU A 289 -14.10 1.26 26.34
C GLU A 289 -13.24 2.44 25.89
N ASP A 290 -13.84 3.41 25.23
CA ASP A 290 -13.12 4.60 24.79
C ASP A 290 -11.93 4.25 23.86
N PHE A 291 -12.17 3.39 22.88
CA PHE A 291 -11.24 3.23 21.75
C PHE A 291 -11.84 3.90 20.53
N PRO A 292 -11.03 4.65 19.77
CA PRO A 292 -11.52 5.19 18.49
C PRO A 292 -12.04 4.07 17.57
N LEU A 293 -13.08 4.39 16.80
CA LEU A 293 -13.64 3.43 15.84
C LEU A 293 -14.23 4.18 14.67
N ASP A 294 -13.77 3.83 13.46
CA ASP A 294 -14.34 4.42 12.26
C ASP A 294 -15.28 3.48 11.49
N THR A 295 -14.97 2.20 11.50
CA THR A 295 -15.59 1.25 10.56
C THR A 295 -15.75 -0.10 11.22
N ILE A 296 -16.92 -0.71 11.06
CA ILE A 296 -17.07 -2.10 11.47
C ILE A 296 -17.25 -2.97 10.22
N VAL A 297 -16.61 -4.13 10.24
CA VAL A 297 -16.55 -4.99 9.04
C VAL A 297 -17.34 -6.26 9.31
N LEU A 298 -18.29 -6.57 8.41
CA LEU A 298 -19.13 -7.74 8.53
C LEU A 298 -18.65 -8.86 7.60
N ASP A 299 -18.23 -9.95 8.22
CA ASP A 299 -17.79 -11.16 7.51
C ASP A 299 -19.00 -11.97 7.07
N LEU A 300 -18.78 -13.20 6.63
CA LEU A 300 -19.80 -13.92 5.86
C LEU A 300 -21.12 -14.26 6.57
N TYR A 301 -21.21 -14.06 7.88
CA TYR A 301 -22.48 -14.34 8.54
C TYR A 301 -23.55 -13.28 8.23
N TRP A 302 -23.16 -12.18 7.59
CA TRP A 302 -24.15 -11.18 7.24
C TRP A 302 -25.16 -11.73 6.22
N PHE A 303 -24.74 -12.74 5.44
CA PHE A 303 -25.62 -13.30 4.42
C PHE A 303 -26.03 -14.76 4.65
N GLY A 304 -25.61 -15.35 5.77
CA GLY A 304 -25.96 -16.72 6.04
C GLY A 304 -25.61 -17.16 7.44
N LYS A 305 -26.31 -18.18 7.92
CA LYS A 305 -26.17 -18.68 9.29
C LYS A 305 -24.92 -19.56 9.47
N ASP A 306 -24.45 -20.16 8.38
CA ASP A 306 -23.31 -21.07 8.45
C ASP A 306 -22.16 -20.59 7.59
N ILE A 307 -20.95 -21.11 7.85
CA ILE A 307 -19.78 -20.75 7.05
C ILE A 307 -19.97 -21.27 5.62
N LYS A 308 -20.47 -22.50 5.49
CA LYS A 308 -20.62 -23.12 4.18
C LYS A 308 -22.06 -23.09 3.70
N GLY A 309 -22.24 -23.06 2.38
CA GLY A 309 -23.55 -23.28 1.79
C GLY A 309 -24.35 -22.05 1.36
N HIS A 310 -23.97 -20.87 1.84
CA HIS A 310 -24.78 -19.66 1.61
C HIS A 310 -24.12 -18.65 0.67
N MET A 311 -22.82 -18.83 0.47
CA MET A 311 -22.05 -17.88 -0.33
C MET A 311 -22.72 -17.68 -1.68
N GLY A 312 -23.00 -16.43 -2.01
CA GLY A 312 -23.70 -16.11 -3.24
C GLY A 312 -25.06 -15.51 -2.93
N ASN A 313 -25.54 -15.70 -1.70
CA ASN A 313 -26.79 -15.06 -1.29
C ASN A 313 -26.72 -13.55 -1.50
N LEU A 314 -25.57 -12.97 -1.17
CA LEU A 314 -25.34 -11.54 -1.38
C LEU A 314 -26.55 -10.72 -0.95
N ASP A 315 -27.09 -11.05 0.21
CA ASP A 315 -28.24 -10.33 0.73
C ASP A 315 -28.35 -10.71 2.20
N TRP A 316 -28.97 -9.84 2.98
CA TRP A 316 -28.99 -10.00 4.43
C TRP A 316 -29.67 -11.28 4.90
N ASP A 317 -29.04 -11.96 5.85
CA ASP A 317 -29.65 -13.05 6.59
C ASP A 317 -30.55 -12.43 7.67
N LYS A 318 -31.85 -12.33 7.37
CA LYS A 318 -32.76 -11.53 8.19
C LYS A 318 -33.05 -12.16 9.55
N GLU A 319 -32.83 -13.46 9.69
CA GLU A 319 -32.97 -14.13 10.96
C GLU A 319 -31.99 -13.52 11.96
N ASN A 320 -30.77 -13.27 11.50
CA ASN A 320 -29.73 -12.73 12.38
C ASN A 320 -29.39 -11.25 12.21
N PHE A 321 -29.75 -10.67 11.06
CA PHE A 321 -29.63 -9.23 10.81
C PHE A 321 -30.99 -8.69 10.37
N PRO A 322 -31.89 -8.50 11.34
CA PRO A 322 -33.30 -8.23 11.07
C PRO A 322 -33.60 -6.81 10.59
N THR A 323 -32.79 -5.83 10.99
CA THR A 323 -33.03 -4.44 10.61
C THR A 323 -31.73 -3.77 10.18
N PRO A 324 -31.16 -4.24 9.06
CA PRO A 324 -29.84 -3.80 8.62
C PRO A 324 -29.80 -2.34 8.20
N LEU A 325 -30.86 -1.80 7.60
CA LEU A 325 -30.85 -0.39 7.22
C LEU A 325 -30.79 0.51 8.45
N ASP A 326 -31.59 0.18 9.45
CA ASP A 326 -31.55 0.90 10.73
C ASP A 326 -30.17 0.74 11.36
N MET A 327 -29.62 -0.46 11.30
CA MET A 327 -28.32 -0.74 11.90
C MET A 327 -27.27 0.18 11.29
N MET A 328 -27.19 0.21 9.96
CA MET A 328 -26.20 1.06 9.28
C MET A 328 -26.42 2.55 9.52
N ALA A 329 -27.69 2.99 9.54
CA ALA A 329 -28.02 4.38 9.84
C ALA A 329 -27.63 4.72 11.28
N ASP A 330 -27.93 3.82 12.22
CA ASP A 330 -27.56 4.04 13.62
C ASP A 330 -26.04 4.18 13.78
N PHE A 331 -25.29 3.35 13.07
CA PHE A 331 -23.83 3.44 13.07
C PHE A 331 -23.36 4.78 12.46
N LYS A 332 -23.93 5.20 11.34
CA LYS A 332 -23.57 6.49 10.74
C LYS A 332 -23.77 7.68 11.69
N GLN A 333 -24.85 7.65 12.46
CA GLN A 333 -25.08 8.67 13.52
C GLN A 333 -23.91 8.75 14.50
N GLN A 334 -23.22 7.65 14.71
CA GLN A 334 -22.07 7.65 15.62
C GLN A 334 -20.76 7.76 14.84
N GLY A 335 -20.86 8.08 13.55
CA GLY A 335 -19.67 8.26 12.73
C GLY A 335 -18.97 6.96 12.34
N VAL A 336 -19.73 5.86 12.32
CA VAL A 336 -19.16 4.53 12.04
C VAL A 336 -19.67 3.98 10.71
N LYS A 337 -18.74 3.61 9.82
CA LYS A 337 -19.09 3.05 8.51
C LYS A 337 -19.29 1.54 8.58
N THR A 338 -20.05 0.99 7.64
CA THR A 338 -20.23 -0.45 7.57
C THR A 338 -19.64 -0.97 6.26
N VAL A 339 -18.82 -2.01 6.37
CA VAL A 339 -18.22 -2.68 5.22
C VAL A 339 -18.65 -4.14 5.20
N LEU A 340 -19.04 -4.65 4.03
CA LEU A 340 -19.48 -6.03 3.91
C LEU A 340 -18.54 -6.84 3.03
N ILE A 341 -18.37 -8.11 3.40
CA ILE A 341 -17.59 -9.04 2.60
C ILE A 341 -18.43 -9.55 1.42
N THR A 342 -17.76 -9.73 0.29
CA THR A 342 -18.35 -10.34 -0.87
C THR A 342 -17.30 -11.27 -1.46
N GLU A 343 -17.74 -12.23 -2.28
CA GLU A 343 -16.87 -13.23 -2.88
C GLU A 343 -17.28 -13.49 -4.34
N PRO A 344 -16.38 -14.13 -5.14
CA PRO A 344 -16.62 -14.39 -6.56
C PRO A 344 -17.57 -15.56 -6.78
N PHE A 345 -17.76 -16.37 -5.75
CA PHE A 345 -18.43 -17.66 -5.92
C PHE A 345 -19.92 -17.60 -5.59
N VAL A 346 -20.72 -18.16 -6.48
CA VAL A 346 -22.14 -18.31 -6.22
C VAL A 346 -22.42 -19.81 -6.11
N LEU A 347 -22.79 -20.26 -4.92
CA LEU A 347 -22.99 -21.67 -4.66
C LEU A 347 -24.33 -22.13 -5.22
N THR A 348 -24.37 -23.37 -5.65
CA THR A 348 -25.59 -23.97 -6.19
C THR A 348 -26.64 -24.07 -5.10
N SER A 349 -26.19 -24.02 -3.84
CA SER A 349 -27.08 -24.05 -2.69
C SER A 349 -27.56 -22.66 -2.26
N SER A 350 -27.06 -21.61 -2.91
CA SER A 350 -27.42 -20.24 -2.51
C SER A 350 -28.68 -19.78 -3.22
N LYS A 351 -29.27 -18.70 -2.72
CA LYS A 351 -30.52 -18.17 -3.25
C LYS A 351 -30.35 -17.49 -4.61
N ARG A 352 -29.11 -17.21 -5.01
CA ARG A 352 -28.90 -16.54 -6.29
C ARG A 352 -28.39 -17.44 -7.42
N TRP A 353 -28.21 -18.73 -7.15
CA TRP A 353 -27.82 -19.65 -8.24
C TRP A 353 -28.73 -19.57 -9.48
N ASP A 354 -30.01 -19.86 -9.32
CA ASP A 354 -30.93 -19.86 -10.45
C ASP A 354 -30.87 -18.55 -11.24
N ASP A 355 -30.85 -17.44 -10.52
CA ASP A 355 -30.87 -16.12 -11.17
C ASP A 355 -29.56 -15.82 -11.90
N ALA A 356 -28.44 -16.18 -11.30
CA ALA A 356 -27.13 -16.02 -11.92
C ALA A 356 -27.03 -16.84 -13.21
N VAL A 357 -27.54 -18.07 -13.16
CA VAL A 357 -27.56 -18.90 -14.36
C VAL A 357 -28.43 -18.26 -15.42
N LYS A 358 -29.61 -17.82 -15.00
CA LYS A 358 -30.56 -17.21 -15.92
C LYS A 358 -29.94 -15.98 -16.58
N ALA A 359 -29.22 -15.18 -15.80
CA ALA A 359 -28.57 -13.97 -16.30
C ALA A 359 -27.28 -14.22 -17.10
N LYS A 360 -26.86 -15.48 -17.18
CA LYS A 360 -25.61 -15.85 -17.83
C LYS A 360 -24.42 -15.16 -17.17
N ALA A 361 -24.46 -15.06 -15.84
CA ALA A 361 -23.46 -14.31 -15.13
C ALA A 361 -22.26 -15.15 -14.68
N LEU A 362 -22.38 -16.47 -14.78
CA LEU A 362 -21.32 -17.35 -14.29
C LEU A 362 -20.43 -17.86 -15.41
N ALA A 363 -19.16 -18.10 -15.10
CA ALA A 363 -18.27 -18.74 -16.07
C ALA A 363 -18.81 -20.12 -16.42
N LYS A 364 -18.46 -20.58 -17.63
CA LYS A 364 -19.03 -21.78 -18.20
C LYS A 364 -18.00 -22.88 -18.40
N ASP A 365 -18.46 -24.09 -18.63
CA ASP A 365 -17.58 -25.17 -19.05
C ASP A 365 -17.48 -25.16 -20.58
N PRO A 366 -16.56 -25.94 -21.16
CA PRO A 366 -16.41 -25.96 -22.62
C PRO A 366 -17.72 -26.35 -23.32
N GLN A 367 -18.54 -27.13 -22.64
CA GLN A 367 -19.84 -27.54 -23.19
C GLN A 367 -20.85 -26.38 -23.24
N GLY A 368 -20.61 -25.34 -22.44
CA GLY A 368 -21.47 -24.17 -22.47
C GLY A 368 -22.40 -23.99 -21.29
N GLN A 369 -22.36 -24.91 -20.33
CA GLN A 369 -23.15 -24.80 -19.13
C GLN A 369 -22.40 -24.00 -18.09
N PRO A 370 -23.11 -23.42 -17.12
CA PRO A 370 -22.44 -22.84 -15.95
C PRO A 370 -21.55 -23.90 -15.34
N LYS A 371 -20.31 -23.54 -15.02
CA LYS A 371 -19.38 -24.48 -14.41
C LYS A 371 -19.55 -24.48 -12.90
N ALA A 372 -19.76 -25.66 -12.33
CA ALA A 372 -19.90 -25.80 -10.89
C ALA A 372 -18.81 -26.74 -10.39
N PHE A 373 -18.27 -26.45 -9.22
CA PHE A 373 -17.14 -27.19 -8.70
C PHE A 373 -17.06 -27.06 -7.18
N GLU A 374 -16.30 -27.97 -6.56
CA GLU A 374 -16.12 -27.95 -5.12
C GLU A 374 -15.08 -26.91 -4.72
N LEU A 375 -15.42 -26.13 -3.70
CA LEU A 375 -14.45 -25.30 -3.06
C LEU A 375 -14.72 -25.39 -1.57
N TYR A 376 -13.90 -24.74 -0.75
CA TYR A 376 -14.03 -24.92 0.70
C TYR A 376 -15.46 -24.67 1.16
N PHE A 377 -16.10 -23.64 0.59
CA PHE A 377 -17.38 -23.17 1.11
C PHE A 377 -18.59 -23.95 0.62
N GLY A 378 -18.38 -24.81 -0.37
CA GLY A 378 -19.45 -25.63 -0.91
C GLY A 378 -19.25 -25.95 -2.38
N ASN A 379 -20.36 -26.21 -3.06
CA ASN A 379 -20.35 -26.47 -4.50
C ASN A 379 -20.93 -25.27 -5.26
N GLY A 380 -20.19 -24.74 -6.23
CA GLY A 380 -20.65 -23.54 -6.90
C GLY A 380 -19.86 -23.07 -8.10
N GLY A 381 -20.27 -21.94 -8.63
CA GLY A 381 -19.65 -21.39 -9.83
C GLY A 381 -18.99 -20.07 -9.53
N ILE A 382 -18.37 -19.48 -10.55
CA ILE A 382 -17.68 -18.21 -10.33
C ILE A 382 -18.27 -17.18 -11.28
N ILE A 383 -18.52 -16.01 -10.74
CA ILE A 383 -19.06 -14.88 -11.49
C ILE A 383 -18.05 -14.47 -12.54
N ASP A 384 -18.46 -14.40 -13.80
CA ASP A 384 -17.51 -14.01 -14.83
C ASP A 384 -17.43 -12.50 -14.95
N VAL A 385 -16.54 -11.89 -14.17
CA VAL A 385 -16.34 -10.45 -14.20
C VAL A 385 -15.75 -9.97 -15.51
N PHE A 386 -15.20 -10.89 -16.30
CA PHE A 386 -14.69 -10.55 -17.62
C PHE A 386 -15.81 -10.46 -18.68
N SER A 387 -17.04 -10.79 -18.31
CA SER A 387 -18.15 -10.75 -19.26
C SER A 387 -19.06 -9.55 -19.01
N LYS A 388 -19.76 -9.11 -20.04
CA LYS A 388 -20.74 -8.04 -19.88
C LYS A 388 -21.83 -8.48 -18.91
N GLU A 389 -22.33 -9.69 -19.12
CA GLU A 389 -23.44 -10.23 -18.33
C GLU A 389 -23.09 -10.34 -16.84
N GLY A 390 -21.96 -10.99 -16.54
CA GLY A 390 -21.51 -11.12 -15.17
C GLY A 390 -21.26 -9.78 -14.51
N SER A 391 -20.65 -8.85 -15.24
CA SER A 391 -20.34 -7.53 -14.70
C SER A 391 -21.62 -6.77 -14.36
N ARG A 392 -22.58 -6.76 -15.28
CA ARG A 392 -23.82 -6.06 -15.04
C ARG A 392 -24.55 -6.69 -13.86
N TRP A 393 -24.60 -8.02 -13.83
CA TRP A 393 -25.31 -8.71 -12.76
C TRP A 393 -24.68 -8.43 -11.40
N PHE A 394 -23.35 -8.58 -11.30
CA PHE A 394 -22.62 -8.36 -10.05
C PHE A 394 -22.71 -6.88 -9.62
N SER A 395 -22.48 -5.98 -10.57
CA SER A 395 -22.55 -4.54 -10.30
C SER A 395 -23.90 -4.07 -9.75
N SER A 396 -24.99 -4.61 -10.28
CA SER A 396 -26.33 -4.24 -9.81
C SER A 396 -26.54 -4.64 -8.33
N ILE A 397 -25.90 -5.72 -7.92
CA ILE A 397 -25.98 -6.16 -6.53
C ILE A 397 -25.20 -5.19 -5.62
N TYR A 398 -23.98 -4.81 -6.02
CA TYR A 398 -23.25 -3.81 -5.26
C TYR A 398 -24.04 -2.49 -5.14
N LYS A 399 -24.67 -2.08 -6.23
CA LYS A 399 -25.42 -0.82 -6.23
C LYS A 399 -26.57 -0.87 -5.22
N ASP A 400 -27.34 -1.96 -5.27
CA ASP A 400 -28.46 -2.12 -4.37
C ASP A 400 -28.03 -2.05 -2.89
N LEU A 401 -27.01 -2.80 -2.53
CA LEU A 401 -26.55 -2.80 -1.13
C LEU A 401 -25.94 -1.46 -0.73
N SER A 402 -25.27 -0.80 -1.68
CA SER A 402 -24.67 0.49 -1.39
C SER A 402 -25.75 1.52 -1.09
N LYS A 403 -26.85 1.44 -1.84
CA LYS A 403 -27.96 2.35 -1.62
C LYS A 403 -28.54 2.16 -0.23
N GLN A 404 -28.46 0.95 0.29
CA GLN A 404 -29.00 0.63 1.62
C GLN A 404 -28.16 1.23 2.74
N GLY A 405 -26.92 1.59 2.44
CA GLY A 405 -26.09 2.25 3.43
C GLY A 405 -24.66 1.73 3.53
N VAL A 406 -24.31 0.71 2.74
CA VAL A 406 -22.95 0.14 2.84
C VAL A 406 -21.95 1.18 2.33
N ALA A 407 -20.91 1.43 3.13
CA ALA A 407 -19.95 2.48 2.85
C ALA A 407 -18.74 2.00 2.10
N GLY A 408 -18.42 0.72 2.23
CA GLY A 408 -17.22 0.20 1.61
C GLY A 408 -17.29 -1.29 1.44
N TRP A 409 -16.34 -1.85 0.71
CA TRP A 409 -16.45 -3.21 0.25
C TRP A 409 -15.19 -4.05 0.45
N TRP A 410 -15.41 -5.29 0.83
CA TRP A 410 -14.35 -6.25 1.06
C TRP A 410 -14.59 -7.40 0.08
N GLY A 411 -13.65 -7.61 -0.84
CA GLY A 411 -13.77 -8.69 -1.81
C GLY A 411 -12.75 -9.77 -1.51
N ASP A 412 -13.23 -10.90 -1.01
CA ASP A 412 -12.36 -11.98 -0.53
C ASP A 412 -12.27 -13.10 -1.58
N LEU A 413 -11.24 -13.94 -1.49
CA LEU A 413 -11.10 -15.12 -2.35
C LEU A 413 -10.88 -14.87 -3.84
N GLY A 414 -10.38 -13.69 -4.19
CA GLY A 414 -10.18 -13.32 -5.59
C GLY A 414 -8.96 -13.89 -6.32
N GLU A 415 -8.30 -14.89 -5.75
CA GLU A 415 -7.14 -15.50 -6.44
C GLU A 415 -7.42 -15.98 -7.88
N PRO A 416 -8.62 -16.55 -8.16
CA PRO A 416 -9.70 -17.02 -7.27
C PRO A 416 -9.19 -18.20 -6.47
N GLU A 417 -9.61 -18.32 -5.22
CA GLU A 417 -9.11 -19.39 -4.37
C GLU A 417 -9.23 -20.78 -5.01
N MET A 418 -10.37 -21.06 -5.64
CA MET A 418 -10.52 -22.29 -6.43
C MET A 418 -10.90 -21.89 -7.85
N HIS A 419 -10.16 -22.41 -8.83
CA HIS A 419 -10.32 -21.99 -10.22
C HIS A 419 -9.93 -23.11 -11.17
N PRO A 420 -10.83 -24.09 -11.38
CA PRO A 420 -10.51 -25.25 -12.22
C PRO A 420 -10.11 -24.88 -13.65
N GLU A 421 -9.14 -25.61 -14.18
CA GLU A 421 -8.54 -25.36 -15.47
C GLU A 421 -9.54 -25.23 -16.62
N ASP A 422 -10.61 -26.04 -16.59
CA ASP A 422 -11.55 -26.05 -17.72
C ASP A 422 -12.63 -24.98 -17.62
N THR A 423 -12.52 -24.11 -16.62
CA THR A 423 -13.45 -23.00 -16.46
C THR A 423 -13.21 -21.99 -17.57
N GLN A 424 -14.29 -21.54 -18.20
CA GLN A 424 -14.19 -20.63 -19.35
C GLN A 424 -14.79 -19.26 -19.04
N HIS A 425 -13.96 -18.22 -19.16
CA HIS A 425 -14.42 -16.86 -19.05
C HIS A 425 -14.57 -16.26 -20.43
N ALA A 426 -15.23 -15.11 -20.52
CA ALA A 426 -15.51 -14.49 -21.80
C ALA A 426 -14.27 -14.35 -22.68
N ILE A 427 -13.11 -14.10 -22.07
CA ILE A 427 -11.89 -13.80 -22.82
C ILE A 427 -10.79 -14.86 -22.74
N GLY A 428 -11.07 -16.00 -22.12
CA GLY A 428 -10.08 -17.06 -22.06
C GLY A 428 -10.40 -18.05 -20.96
N ASP A 429 -9.66 -19.16 -20.91
CA ASP A 429 -9.88 -20.16 -19.87
C ASP A 429 -9.25 -19.72 -18.54
N ALA A 430 -9.53 -20.48 -17.48
CA ALA A 430 -9.13 -20.07 -16.14
C ALA A 430 -7.62 -19.85 -16.04
N ASP A 431 -6.84 -20.78 -16.58
CA ASP A 431 -5.38 -20.68 -16.52
C ASP A 431 -4.83 -19.49 -17.28
N THR A 432 -5.57 -19.02 -18.28
CA THR A 432 -5.10 -17.86 -19.05
C THR A 432 -5.33 -16.53 -18.33
N VAL A 433 -6.46 -16.39 -17.65
CA VAL A 433 -6.84 -15.11 -17.05
C VAL A 433 -6.62 -15.05 -15.52
N HIS A 434 -6.27 -16.19 -14.93
CA HIS A 434 -6.21 -16.38 -13.47
C HIS A 434 -5.70 -15.18 -12.67
N ASN A 435 -4.50 -14.71 -13.01
CA ASN A 435 -3.84 -13.70 -12.17
C ASN A 435 -4.41 -12.29 -12.33
N ALA A 436 -5.42 -12.15 -13.19
CA ALA A 436 -6.06 -10.85 -13.43
C ALA A 436 -7.52 -10.84 -13.00
N TYR A 437 -8.01 -11.95 -12.49
CA TYR A 437 -9.41 -12.01 -12.09
C TYR A 437 -9.71 -10.93 -11.05
N GLY A 438 -8.94 -10.95 -9.95
CA GLY A 438 -9.15 -10.00 -8.86
C GLY A 438 -8.98 -8.56 -9.34
N HIS A 439 -8.02 -8.36 -10.24
CA HIS A 439 -7.73 -7.08 -10.87
C HIS A 439 -8.97 -6.54 -11.60
N ARG A 440 -9.59 -7.39 -12.41
CA ARG A 440 -10.79 -6.99 -13.16
C ARG A 440 -11.98 -6.78 -12.21
N TRP A 441 -12.09 -7.64 -11.20
CA TRP A 441 -13.12 -7.49 -10.19
C TRP A 441 -13.04 -6.12 -9.51
N ALA A 442 -11.83 -5.68 -9.17
CA ALA A 442 -11.65 -4.35 -8.58
C ALA A 442 -12.03 -3.24 -9.57
N GLU A 443 -11.65 -3.40 -10.83
CA GLU A 443 -11.99 -2.41 -11.85
C GLU A 443 -13.50 -2.23 -11.92
N MET A 444 -14.21 -3.36 -11.98
CA MET A 444 -15.67 -3.37 -12.08
C MET A 444 -16.28 -2.63 -10.90
N LEU A 445 -15.84 -2.98 -9.70
CA LEU A 445 -16.40 -2.42 -8.49
C LEU A 445 -16.05 -0.94 -8.34
N TYR A 446 -14.79 -0.60 -8.61
CA TYR A 446 -14.37 0.79 -8.61
C TYR A 446 -15.23 1.63 -9.56
N GLN A 447 -15.34 1.22 -10.82
CA GLN A 447 -16.16 1.93 -11.79
C GLN A 447 -17.61 2.04 -11.32
N GLN A 448 -18.12 0.95 -10.77
CA GLN A 448 -19.48 0.93 -10.26
C GLN A 448 -19.69 1.94 -9.13
N GLN A 449 -18.75 1.98 -8.19
CA GLN A 449 -18.86 2.87 -7.04
C GLN A 449 -18.75 4.35 -7.43
N LEU A 450 -17.85 4.65 -8.36
CA LEU A 450 -17.68 6.02 -8.83
C LEU A 450 -18.89 6.49 -9.61
N ASP A 451 -19.52 5.58 -10.34
CA ASP A 451 -20.72 5.93 -11.09
C ASP A 451 -21.89 6.17 -10.14
N GLN A 452 -21.96 5.40 -9.07
CA GLN A 452 -23.03 5.56 -8.09
C GLN A 452 -22.83 6.76 -7.17
N PHE A 453 -21.59 6.92 -6.69
CA PHE A 453 -21.26 8.00 -5.75
C PHE A 453 -20.07 8.80 -6.27
N PRO A 454 -20.31 9.66 -7.27
CA PRO A 454 -19.20 10.42 -7.87
C PRO A 454 -18.52 11.36 -6.90
N GLU A 455 -19.14 11.63 -5.75
CA GLU A 455 -18.55 12.57 -4.81
C GLU A 455 -17.90 11.87 -3.61
N LEU A 456 -17.78 10.55 -3.66
CA LEU A 456 -17.10 9.80 -2.60
C LEU A 456 -15.97 8.93 -3.16
N ARG A 457 -15.00 8.62 -2.31
CA ARG A 457 -13.88 7.75 -2.67
C ARG A 457 -14.23 6.31 -2.29
N PRO A 458 -14.17 5.39 -3.27
CA PRO A 458 -14.45 3.97 -3.00
C PRO A 458 -13.47 3.36 -2.02
N PHE A 459 -13.95 2.48 -1.16
CA PHE A 459 -13.08 1.67 -0.31
C PHE A 459 -13.26 0.24 -0.78
N ILE A 460 -12.17 -0.34 -1.28
CA ILE A 460 -12.19 -1.69 -1.84
C ILE A 460 -10.98 -2.46 -1.30
N MET A 461 -11.24 -3.40 -0.40
CA MET A 461 -10.18 -4.23 0.16
C MET A 461 -10.26 -5.62 -0.47
N MET A 462 -9.16 -6.09 -1.06
CA MET A 462 -9.15 -7.39 -1.72
C MET A 462 -7.87 -8.18 -1.42
N ARG A 463 -7.90 -9.47 -1.74
CA ARG A 463 -6.84 -10.39 -1.35
C ARG A 463 -5.86 -10.68 -2.48
N ALA A 464 -6.26 -10.34 -3.70
CA ALA A 464 -5.48 -10.70 -4.88
C ALA A 464 -5.72 -9.72 -6.01
N GLY A 465 -4.66 -9.38 -6.72
CA GLY A 465 -4.76 -8.46 -7.85
C GLY A 465 -3.63 -8.72 -8.84
N PHE A 466 -3.29 -7.68 -9.58
CA PHE A 466 -2.29 -7.76 -10.62
C PHE A 466 -1.53 -6.44 -10.57
N VAL A 467 -0.43 -6.35 -11.29
CA VAL A 467 0.26 -5.07 -11.45
C VAL A 467 -0.74 -4.03 -11.94
N GLY A 468 -0.79 -2.89 -11.26
CA GLY A 468 -1.71 -1.82 -11.65
C GLY A 468 -3.04 -1.78 -10.92
N SER A 469 -3.36 -2.83 -10.16
CA SER A 469 -4.64 -2.88 -9.45
C SER A 469 -4.82 -1.70 -8.50
N GLN A 470 -3.71 -1.07 -8.11
CA GLN A 470 -3.78 0.09 -7.23
C GLN A 470 -4.53 1.25 -7.89
N ARG A 471 -4.62 1.25 -9.22
CA ARG A 471 -5.30 2.35 -9.89
C ARG A 471 -6.82 2.24 -9.71
N TYR A 472 -7.29 1.08 -9.26
CA TYR A 472 -8.70 0.90 -8.94
C TYR A 472 -8.93 1.00 -7.44
N GLY A 473 -7.94 1.55 -6.76
CA GLY A 473 -8.01 1.76 -5.31
C GLY A 473 -7.86 0.50 -4.47
N MET A 474 -7.33 -0.58 -5.06
CA MET A 474 -7.25 -1.83 -4.30
C MET A 474 -6.41 -1.69 -3.02
N ILE A 475 -6.99 -2.09 -1.90
CA ILE A 475 -6.27 -2.14 -0.63
C ILE A 475 -6.10 -3.61 -0.24
N PRO A 476 -4.88 -4.16 -0.41
CA PRO A 476 -4.70 -5.60 -0.17
C PRO A 476 -4.29 -5.88 1.26
N TRP A 477 -4.63 -7.06 1.78
CA TRP A 477 -4.12 -7.52 3.06
C TRP A 477 -3.50 -8.91 2.85
N THR A 478 -2.64 -9.33 3.77
CA THR A 478 -1.77 -10.48 3.54
C THR A 478 -2.41 -11.80 3.94
N GLY A 479 -3.73 -11.87 3.84
CA GLY A 479 -4.44 -13.13 3.98
C GLY A 479 -4.45 -13.76 5.36
N ASP A 480 -4.58 -15.08 5.40
CA ASP A 480 -4.91 -15.78 6.63
C ASP A 480 -3.65 -16.17 7.41
N VAL A 481 -2.94 -15.16 7.89
CA VAL A 481 -1.68 -15.40 8.57
C VAL A 481 -1.91 -16.17 9.89
N SER A 482 -0.99 -17.05 10.25
CA SER A 482 -1.12 -17.78 11.52
C SER A 482 -1.02 -16.83 12.69
N ARG A 483 -1.59 -17.23 13.83
CA ARG A 483 -1.43 -16.47 15.06
C ARG A 483 -0.13 -16.83 15.78
N THR A 484 1.00 -16.62 15.10
CA THR A 484 2.31 -16.95 15.66
C THR A 484 3.29 -15.79 15.47
N TRP A 485 4.35 -15.77 16.29
CA TRP A 485 5.41 -14.77 16.11
C TRP A 485 5.99 -14.81 14.70
N GLY A 486 6.13 -16.00 14.14
CA GLY A 486 6.63 -16.14 12.79
C GLY A 486 5.73 -15.46 11.77
N GLY A 487 4.42 -15.55 11.98
CA GLY A 487 3.48 -14.86 11.10
C GLY A 487 3.67 -13.35 11.21
N LEU A 488 3.86 -12.86 12.42
CA LEU A 488 4.10 -11.42 12.60
C LEU A 488 5.44 -11.03 11.97
N ALA A 489 6.45 -11.87 12.17
CA ALA A 489 7.81 -11.56 11.75
C ALA A 489 7.95 -11.43 10.22
N SER A 490 6.99 -12.00 9.48
CA SER A 490 7.04 -11.97 8.02
CA SER A 490 7.05 -11.97 8.02
C SER A 490 6.35 -10.74 7.41
N GLN A 491 5.63 -9.99 8.23
CA GLN A 491 4.78 -8.92 7.70
C GLN A 491 5.52 -7.72 7.08
N VAL A 492 6.66 -7.35 7.64
CA VAL A 492 7.42 -6.24 7.06
C VAL A 492 7.96 -6.62 5.68
N GLU A 493 8.48 -7.84 5.56
CA GLU A 493 8.94 -8.30 4.24
C GLU A 493 7.81 -8.24 3.21
N LEU A 494 6.65 -8.80 3.57
CA LEU A 494 5.50 -8.78 2.67
C LEU A 494 5.04 -7.37 2.30
N ALA A 495 4.99 -6.49 3.29
CA ALA A 495 4.50 -5.13 3.08
C ALA A 495 5.46 -4.36 2.17
N LEU A 496 6.76 -4.49 2.44
CA LEU A 496 7.76 -3.80 1.64
C LEU A 496 7.75 -4.31 0.20
N GLN A 497 7.69 -5.63 0.02
CA GLN A 497 7.65 -6.21 -1.32
C GLN A 497 6.46 -5.69 -2.14
N MET A 498 5.29 -5.59 -1.50
CA MET A 498 4.10 -5.10 -2.20
C MET A 498 4.15 -3.57 -2.40
N SER A 499 4.68 -2.85 -1.40
CA SER A 499 4.74 -1.39 -1.43
C SER A 499 5.63 -0.90 -2.55
N LEU A 500 6.76 -1.60 -2.73
CA LEU A 500 7.73 -1.21 -3.72
C LEU A 500 7.17 -1.34 -5.13
N LEU A 501 6.18 -2.20 -5.29
CA LEU A 501 5.60 -2.45 -6.61
C LEU A 501 4.15 -2.00 -6.74
N GLY A 502 3.81 -0.91 -6.08
CA GLY A 502 2.55 -0.23 -6.36
C GLY A 502 1.51 -0.19 -5.26
N PHE A 503 1.70 -0.93 -4.17
CA PHE A 503 0.61 -1.10 -3.22
C PHE A 503 0.86 -0.50 -1.84
N GLY A 504 0.56 0.79 -1.74
CA GLY A 504 0.85 1.54 -0.53
C GLY A 504 0.05 1.12 0.69
N TYR A 505 -1.10 0.49 0.49
CA TYR A 505 -1.98 0.17 1.62
C TYR A 505 -1.99 -1.29 2.03
N ILE A 506 -1.01 -2.05 1.55
CA ILE A 506 -0.83 -3.44 1.98
C ILE A 506 -0.75 -3.46 3.51
N HIS A 507 -1.41 -4.42 4.14
CA HIS A 507 -1.39 -4.49 5.60
C HIS A 507 -1.73 -5.90 6.04
N SER A 508 -1.69 -6.16 7.35
CA SER A 508 -2.02 -7.50 7.83
C SER A 508 -3.25 -7.52 8.74
N ASP A 509 -3.84 -8.69 8.90
CA ASP A 509 -4.79 -8.95 9.98
C ASP A 509 -4.06 -8.74 11.30
N LEU A 510 -4.28 -7.61 11.95
CA LEU A 510 -3.53 -7.33 13.19
C LEU A 510 -3.87 -8.34 14.28
N GLY A 511 -2.82 -8.88 14.91
CA GLY A 511 -2.97 -9.88 15.97
C GLY A 511 -2.94 -11.31 15.44
N GLY A 512 -3.07 -11.43 14.12
CA GLY A 512 -3.05 -12.75 13.49
C GLY A 512 -4.44 -13.34 13.30
N PHE A 513 -4.59 -14.19 12.29
CA PHE A 513 -5.92 -14.68 11.91
C PHE A 513 -6.19 -16.13 12.25
N ALA A 514 -5.25 -17.01 11.88
CA ALA A 514 -5.54 -18.44 11.74
C ALA A 514 -5.29 -19.26 12.98
N ASP A 515 -6.27 -20.12 13.26
CA ASP A 515 -6.15 -21.14 14.29
C ASP A 515 -5.83 -20.49 15.63
N GLY A 516 -4.91 -21.10 16.38
CA GLY A 516 -4.68 -20.71 17.75
C GLY A 516 -5.82 -21.25 18.60
N GLU A 517 -5.58 -21.50 19.87
CA GLU A 517 -6.63 -21.98 20.74
C GLU A 517 -6.83 -21.01 21.91
N THR A 518 -5.76 -20.31 22.28
CA THR A 518 -5.88 -19.25 23.28
C THR A 518 -5.02 -18.07 22.86
N LEU A 519 -5.42 -16.87 23.28
CA LEU A 519 -4.68 -15.66 22.93
C LEU A 519 -3.22 -15.72 23.37
N ASP A 520 -2.31 -15.45 22.44
CA ASP A 520 -0.92 -15.23 22.83
C ASP A 520 -0.83 -13.73 23.10
N LYS A 521 -0.96 -13.36 24.37
CA LYS A 521 -1.12 -11.95 24.74
C LYS A 521 0.06 -11.06 24.30
N GLU A 522 1.28 -11.49 24.57
CA GLU A 522 2.44 -10.67 24.22
C GLU A 522 2.55 -10.46 22.71
N MET A 523 2.31 -11.52 21.95
CA MET A 523 2.31 -11.46 20.49
C MET A 523 1.24 -10.49 19.97
N TYR A 524 0.03 -10.61 20.51
CA TYR A 524 -1.08 -9.76 20.11
C TYR A 524 -0.71 -8.30 20.34
N ILE A 525 -0.19 -7.99 21.52
CA ILE A 525 0.17 -6.61 21.83
C ILE A 525 1.21 -6.10 20.84
N ARG A 526 2.27 -6.88 20.65
CA ARG A 526 3.33 -6.48 19.72
C ARG A 526 2.80 -6.26 18.31
N TRP A 527 1.84 -7.09 17.89
CA TRP A 527 1.25 -6.97 16.56
C TRP A 527 0.42 -5.67 16.43
N LEU A 528 -0.36 -5.35 17.46
CA LEU A 528 -1.18 -4.14 17.39
C LEU A 528 -0.38 -2.85 17.59
N GLN A 529 0.80 -2.97 18.18
CA GLN A 529 1.73 -1.84 18.28
C GLN A 529 2.34 -1.55 16.91
N TYR A 530 2.88 -2.57 16.27
CA TYR A 530 3.34 -2.47 14.89
C TYR A 530 2.21 -1.92 14.02
N GLY A 531 0.99 -2.36 14.29
CA GLY A 531 -0.15 -1.94 13.48
C GLY A 531 -0.27 -0.43 13.35
N VAL A 532 0.04 0.29 14.43
CA VAL A 532 -0.04 1.75 14.41
C VAL A 532 0.82 2.35 13.31
N PHE A 533 1.91 1.66 12.98
CA PHE A 533 2.91 2.17 12.03
C PHE A 533 2.93 1.38 10.73
N GLN A 534 1.77 0.88 10.32
CA GLN A 534 1.64 0.30 8.99
C GLN A 534 0.27 0.74 8.44
N PRO A 535 0.02 0.51 7.13
CA PRO A 535 -1.01 1.31 6.43
C PRO A 535 -2.46 1.26 6.92
N VAL A 536 -2.97 0.11 7.34
CA VAL A 536 -4.39 0.04 7.68
C VAL A 536 -4.58 -0.66 9.03
N TYR A 537 -5.27 0.00 9.94
CA TYR A 537 -5.38 -0.49 11.32
C TYR A 537 -6.58 -1.42 11.47
N ARG A 538 -6.41 -2.68 11.07
CA ARG A 538 -7.52 -3.62 11.02
C ARG A 538 -7.14 -4.94 11.67
N PRO A 539 -7.31 -5.01 13.00
CA PRO A 539 -7.21 -6.31 13.68
C PRO A 539 -8.34 -7.21 13.17
N HIS A 540 -8.06 -8.49 12.98
CA HIS A 540 -9.05 -9.41 12.41
C HIS A 540 -8.55 -10.83 12.63
N GLY A 541 -9.44 -11.71 13.08
CA GLY A 541 -9.06 -13.10 13.35
C GLY A 541 -10.28 -13.97 13.54
N GLN A 542 -10.08 -15.28 13.51
CA GLN A 542 -11.18 -16.22 13.74
C GLN A 542 -11.71 -16.03 15.15
N ASP A 543 -13.04 -16.01 15.29
CA ASP A 543 -13.65 -15.44 16.49
C ASP A 543 -13.68 -16.31 17.74
N HIS A 544 -13.00 -17.46 17.73
CA HIS A 544 -12.85 -18.20 18.98
C HIS A 544 -11.83 -17.49 19.87
N ILE A 545 -11.05 -16.57 19.28
CA ILE A 545 -10.19 -15.66 20.03
C ILE A 545 -10.48 -14.22 19.53
N PRO A 546 -10.74 -13.29 20.46
CA PRO A 546 -11.10 -11.93 20.04
C PRO A 546 -9.97 -11.20 19.32
N SER A 547 -10.28 -10.58 18.19
CA SER A 547 -9.28 -9.80 17.47
C SER A 547 -9.35 -8.31 17.83
N GLU A 548 -10.52 -7.83 18.24
CA GLU A 548 -10.67 -6.40 18.59
C GLU A 548 -9.99 -6.05 19.92
N PRO A 549 -9.28 -4.92 19.98
CA PRO A 549 -8.56 -4.55 21.21
C PRO A 549 -9.50 -4.25 22.37
N VAL A 550 -10.76 -3.91 22.10
CA VAL A 550 -11.71 -3.58 23.15
C VAL A 550 -12.14 -4.79 23.96
N PHE A 551 -11.90 -5.98 23.42
CA PHE A 551 -12.28 -7.20 24.13
C PHE A 551 -11.10 -7.82 24.90
N GLN A 552 -10.05 -7.04 25.12
CA GLN A 552 -8.84 -7.62 25.70
C GLN A 552 -8.81 -7.33 27.21
N ASP A 553 -7.84 -7.88 27.93
CA ASP A 553 -7.79 -7.66 29.38
C ASP A 553 -7.34 -6.23 29.71
N GLU A 554 -7.41 -5.86 30.98
CA GLU A 554 -7.16 -4.46 31.38
C GLU A 554 -5.74 -4.00 31.00
N GLU A 555 -4.76 -4.86 31.22
CA GLU A 555 -3.37 -4.52 30.89
C GLU A 555 -3.15 -4.28 29.42
N THR A 556 -3.73 -5.15 28.59
CA THR A 556 -3.64 -5.01 27.16
C THR A 556 -4.29 -3.71 26.70
N LYS A 557 -5.49 -3.44 27.23
CA LYS A 557 -6.19 -2.20 26.85
C LYS A 557 -5.43 -0.97 27.30
N ALA A 558 -4.84 -1.03 28.50
CA ALA A 558 -4.11 0.12 29.03
C ALA A 558 -2.90 0.42 28.14
N ILE A 559 -2.34 -0.61 27.54
CA ILE A 559 -1.24 -0.45 26.63
C ILE A 559 -1.70 0.05 25.26
N LEU A 560 -2.75 -0.55 24.73
CA LEU A 560 -3.16 -0.27 23.36
C LEU A 560 -4.01 1.00 23.19
N ARG A 561 -4.80 1.35 24.20
CA ARG A 561 -5.70 2.50 24.06
C ARG A 561 -4.97 3.79 23.65
N PRO A 562 -3.90 4.15 24.37
CA PRO A 562 -3.19 5.38 23.96
C PRO A 562 -2.49 5.23 22.60
N LEU A 563 -2.19 4.00 22.19
CA LEU A 563 -1.59 3.78 20.87
C LEU A 563 -2.60 3.90 19.73
N VAL A 564 -3.80 3.37 19.95
CA VAL A 564 -4.84 3.56 18.95
C VAL A 564 -5.20 5.04 18.88
N LYS A 565 -5.18 5.72 20.03
CA LYS A 565 -5.40 7.17 20.01
C LYS A 565 -4.27 7.90 19.30
N LEU A 566 -3.04 7.45 19.53
CA LEU A 566 -1.88 8.00 18.82
C LEU A 566 -2.06 7.91 17.30
N ARG A 567 -2.51 6.76 16.82
CA ARG A 567 -2.84 6.58 15.40
C ARG A 567 -3.73 7.73 14.92
N TYR A 568 -4.76 8.05 15.70
CA TYR A 568 -5.64 9.18 15.33
C TYR A 568 -4.93 10.54 15.43
N ARG A 569 -4.15 10.73 16.49
CA ARG A 569 -3.46 12.00 16.66
C ARG A 569 -2.49 12.25 15.51
N MET A 570 -1.93 11.15 14.98
CA MET A 570 -1.00 11.21 13.87
C MET A 570 -1.65 11.25 12.49
N LEU A 571 -2.98 11.36 12.42
CA LEU A 571 -3.61 11.42 11.09
C LEU A 571 -2.98 12.43 10.12
N PRO A 572 -2.60 13.64 10.61
CA PRO A 572 -1.96 14.56 9.64
C PRO A 572 -0.69 13.99 9.01
N TYR A 573 0.12 13.26 9.78
CA TYR A 573 1.34 12.66 9.25
C TYR A 573 1.00 11.56 8.26
N ILE A 574 0.07 10.71 8.64
CA ILE A 574 -0.27 9.56 7.82
C ILE A 574 -1.00 9.97 6.53
N TYR A 575 -1.97 10.86 6.66
CA TYR A 575 -2.77 11.32 5.53
C TYR A 575 -1.92 12.11 4.55
N THR A 576 -0.89 12.79 5.06
CA THR A 576 0.06 13.48 4.18
C THR A 576 0.93 12.48 3.37
N ALA A 577 1.38 11.42 4.03
CA ALA A 577 2.08 10.32 3.33
C ALA A 577 1.16 9.65 2.28
N ALA A 578 -0.12 9.55 2.59
CA ALA A 578 -1.12 9.03 1.65
C ALA A 578 -1.21 9.93 0.41
N TYR A 579 -1.33 11.23 0.65
CA TYR A 579 -1.30 12.23 -0.41
C TYR A 579 -0.07 12.08 -1.30
N GLN A 580 1.10 11.93 -0.69
CA GLN A 580 2.33 11.74 -1.48
C GLN A 580 2.28 10.44 -2.28
N ASN A 581 1.69 9.40 -1.71
CA ASN A 581 1.54 8.14 -2.44
C ASN A 581 0.68 8.33 -3.69
N THR A 582 -0.38 9.11 -3.55
CA THR A 582 -1.25 9.38 -4.70
C THR A 582 -0.50 10.21 -5.75
N LEU A 583 0.31 11.15 -5.29
CA LEU A 583 1.07 12.00 -6.21
C LEU A 583 2.18 11.29 -6.99
N THR A 584 2.92 10.41 -6.32
CA THR A 584 4.20 9.94 -6.84
C THR A 584 4.38 8.44 -6.71
N GLY A 585 3.44 7.77 -6.06
CA GLY A 585 3.57 6.34 -5.82
C GLY A 585 4.42 6.00 -4.60
N MET A 586 5.00 7.01 -3.97
CA MET A 586 5.86 6.78 -2.82
C MET A 586 5.08 5.98 -1.76
N PRO A 587 5.60 4.79 -1.40
CA PRO A 587 4.86 3.98 -0.42
C PRO A 587 4.89 4.59 0.97
N LEU A 588 3.93 4.21 1.80
CA LEU A 588 3.87 4.72 3.16
C LEU A 588 4.97 4.08 4.00
N MET A 589 5.16 2.77 3.80
CA MET A 589 6.30 2.06 4.37
C MET A 589 7.43 2.04 3.35
N ARG A 590 8.62 2.44 3.78
CA ARG A 590 9.78 2.42 2.90
C ARG A 590 10.86 1.53 3.50
N PRO A 591 11.59 0.81 2.63
CA PRO A 591 12.64 -0.07 3.14
C PRO A 591 13.86 0.70 3.61
N LEU A 592 14.63 0.07 4.48
CA LEU A 592 15.85 0.68 4.98
C LEU A 592 16.76 1.07 3.82
N PHE A 593 16.73 0.30 2.73
CA PHE A 593 17.70 0.54 1.67
C PHE A 593 17.51 1.87 0.93
N PHE A 594 16.35 2.49 1.08
CA PHE A 594 16.16 3.84 0.57
C PHE A 594 17.18 4.81 1.18
N SER A 595 17.69 4.49 2.37
CA SER A 595 18.57 5.41 3.11
C SER A 595 19.97 5.52 2.53
N ASP A 596 20.35 4.56 1.70
CA ASP A 596 21.67 4.58 1.06
C ASP A 596 21.65 3.71 -0.19
N GLU A 597 21.38 4.34 -1.32
CA GLU A 597 21.23 3.62 -2.58
C GLU A 597 22.52 2.99 -3.09
N LYS A 598 23.66 3.39 -2.51
CA LYS A 598 24.95 2.87 -2.94
C LYS A 598 25.39 1.71 -2.07
N ASN A 599 24.57 1.35 -1.09
CA ASN A 599 24.86 0.23 -0.20
C ASN A 599 23.85 -0.90 -0.39
N PRO A 600 24.11 -1.79 -1.36
CA PRO A 600 23.16 -2.85 -1.75
C PRO A 600 22.88 -3.84 -0.62
N ALA A 601 23.84 -4.05 0.28
CA ALA A 601 23.63 -4.92 1.44
C ALA A 601 22.39 -4.55 2.28
N LEU A 602 21.98 -3.30 2.24
CA LEU A 602 20.81 -2.88 3.01
C LEU A 602 19.54 -3.51 2.48
N ILE A 603 19.56 -3.91 1.21
CA ILE A 603 18.40 -4.52 0.59
C ILE A 603 17.90 -5.75 1.38
N ASP A 604 18.82 -6.48 2.03
CA ASP A 604 18.43 -7.66 2.79
C ASP A 604 17.58 -7.38 4.03
N ASN A 605 17.61 -6.14 4.51
CA ASN A 605 16.93 -5.84 5.77
C ASN A 605 15.41 -5.91 5.70
N LYS A 606 14.80 -6.75 6.55
CA LYS A 606 13.35 -6.85 6.62
C LYS A 606 12.85 -6.71 8.07
N THR A 607 13.63 -6.01 8.89
CA THR A 607 13.32 -5.89 10.32
C THR A 607 13.12 -4.44 10.78
N SER A 608 13.68 -3.46 10.06
CA SER A 608 13.44 -2.05 10.33
C SER A 608 13.00 -1.37 9.04
N TYR A 609 12.09 -0.40 9.12
CA TYR A 609 11.59 0.24 7.91
C TYR A 609 11.20 1.67 8.27
N PHE A 610 11.06 2.52 7.27
CA PHE A 610 10.56 3.88 7.48
C PHE A 610 9.04 3.95 7.35
N TRP A 611 8.41 4.61 8.32
CA TRP A 611 6.99 4.90 8.26
C TRP A 611 6.95 6.39 7.95
N GLY A 612 6.58 6.73 6.73
CA GLY A 612 6.73 8.10 6.25
C GLY A 612 8.20 8.46 6.13
N ASP A 613 8.51 9.75 6.04
CA ASP A 613 9.90 10.18 5.87
C ASP A 613 10.73 10.10 7.16
N SER A 614 10.08 10.20 8.31
CA SER A 614 10.81 10.60 9.52
C SER A 614 10.96 9.56 10.62
N LEU A 615 10.18 8.48 10.54
CA LEU A 615 10.21 7.47 11.59
C LEU A 615 10.85 6.17 11.12
N LEU A 616 11.85 5.73 11.86
CA LEU A 616 12.49 4.44 11.64
C LEU A 616 11.96 3.45 12.68
N VAL A 617 11.20 2.47 12.20
CA VAL A 617 10.44 1.60 13.07
C VAL A 617 11.06 0.21 13.07
N THR A 618 11.23 -0.38 14.26
CA THR A 618 11.74 -1.75 14.34
C THR A 618 10.79 -2.61 15.18
N PRO A 619 9.86 -3.30 14.51
CA PRO A 619 8.89 -4.12 15.26
C PRO A 619 9.58 -5.19 16.08
N ILE A 620 9.00 -5.50 17.23
CA ILE A 620 9.47 -6.61 18.05
C ILE A 620 8.70 -7.84 17.60
N THR A 621 9.43 -8.89 17.21
CA THR A 621 8.81 -10.05 16.57
C THR A 621 9.18 -11.37 17.23
N GLN A 622 9.60 -11.30 18.49
CA GLN A 622 9.79 -12.51 19.31
C GLN A 622 9.41 -12.18 20.74
N ALA A 623 9.05 -13.20 21.51
CA ALA A 623 8.69 -12.98 22.91
C ALA A 623 9.92 -12.70 23.79
N GLY A 624 9.75 -11.86 24.79
CA GLY A 624 10.78 -11.61 25.79
C GLY A 624 12.02 -10.85 25.36
N VAL A 625 12.00 -10.29 24.15
CA VAL A 625 13.15 -9.51 23.69
C VAL A 625 13.44 -8.34 24.65
N GLU A 626 14.67 -8.27 25.15
CA GLU A 626 15.04 -7.25 26.15
C GLU A 626 15.72 -6.01 25.56
N SER A 627 16.26 -6.13 24.36
CA SER A 627 16.93 -5.01 23.70
C SER A 627 16.98 -5.27 22.21
N VAL A 628 17.21 -4.22 21.43
CA VAL A 628 17.28 -4.36 19.97
C VAL A 628 18.46 -3.57 19.42
N SER A 629 19.05 -4.09 18.35
CA SER A 629 20.13 -3.41 17.65
C SER A 629 19.55 -2.77 16.38
N ILE A 630 19.50 -1.44 16.34
CA ILE A 630 18.85 -0.73 15.24
C ILE A 630 19.89 -0.16 14.27
N PRO A 631 19.87 -0.63 13.01
CA PRO A 631 20.84 -0.16 12.02
C PRO A 631 20.45 1.19 11.47
N ALA A 632 20.41 2.19 12.34
CA ALA A 632 20.02 3.52 11.93
C ALA A 632 21.04 4.07 10.94
N PRO A 633 20.56 4.75 9.88
CA PRO A 633 21.50 5.42 8.97
C PRO A 633 22.32 6.46 9.71
N LYS A 634 23.54 6.70 9.26
CA LYS A 634 24.38 7.70 9.90
C LYS A 634 23.66 9.05 9.98
N GLY A 635 23.82 9.73 11.10
CA GLY A 635 23.12 10.98 11.32
C GLY A 635 22.62 11.00 12.74
N VAL A 636 21.68 11.90 13.01
CA VAL A 636 21.17 12.09 14.36
C VAL A 636 19.75 11.55 14.46
N TRP A 637 19.47 10.79 15.51
CA TRP A 637 18.16 10.16 15.68
C TRP A 637 17.67 10.38 17.11
N PHE A 638 16.36 10.46 17.29
CA PHE A 638 15.79 10.62 18.63
C PHE A 638 14.84 9.48 18.95
N ASP A 639 14.88 9.01 20.19
CA ASP A 639 13.91 8.02 20.67
C ASP A 639 12.53 8.68 20.65
N PHE A 640 11.60 8.11 19.88
CA PHE A 640 10.27 8.69 19.71
C PHE A 640 9.55 8.81 21.03
N TRP A 641 9.73 7.82 21.90
CA TRP A 641 9.02 7.74 23.17
C TRP A 641 9.68 8.52 24.31
N LYS A 642 11.01 8.61 24.28
CA LYS A 642 11.76 9.13 25.43
C LYS A 642 12.52 10.41 25.14
N ASP A 643 12.58 10.81 23.87
CA ASP A 643 13.25 12.04 23.46
C ASP A 643 14.78 11.98 23.46
N THR A 644 15.34 10.84 23.83
CA THR A 644 16.79 10.66 23.88
C THR A 644 17.44 10.94 22.52
N ARG A 645 18.53 11.70 22.51
CA ARG A 645 19.24 12.01 21.27
C ARG A 645 20.39 11.03 21.06
N TYR A 646 20.46 10.43 19.87
CA TYR A 646 21.54 9.54 19.49
C TYR A 646 22.21 10.10 18.25
N GLN A 647 23.52 9.95 18.17
CA GLN A 647 24.25 10.31 16.96
C GLN A 647 25.03 9.08 16.56
N THR A 648 25.10 8.79 15.26
CA THR A 648 25.87 7.65 14.79
C THR A 648 26.51 7.93 13.45
N ASP A 649 27.74 7.45 13.28
CA ASP A 649 28.46 7.54 12.02
C ASP A 649 28.38 6.24 11.23
N GLY A 650 27.51 5.33 11.68
CA GLY A 650 27.34 4.07 10.98
C GLY A 650 27.02 2.88 11.86
N ALA A 651 27.64 2.81 13.04
CA ALA A 651 27.37 1.69 13.94
C ALA A 651 25.92 1.66 14.39
N PRO A 652 25.34 0.47 14.53
CA PRO A 652 23.94 0.35 14.97
C PRO A 652 23.74 0.90 16.39
N LEU A 653 22.51 1.27 16.71
CA LEU A 653 22.18 1.77 18.04
C LEU A 653 21.49 0.65 18.82
N THR A 654 21.84 0.50 20.09
CA THR A 654 21.19 -0.51 20.91
C THR A 654 20.18 0.15 21.83
N LEU A 655 18.91 -0.21 21.68
CA LEU A 655 17.88 0.32 22.56
C LEU A 655 17.23 -0.79 23.38
N PRO A 656 16.92 -0.48 24.65
CA PRO A 656 16.19 -1.43 25.49
C PRO A 656 14.74 -1.48 25.02
N THR A 657 14.05 -2.58 25.29
CA THR A 657 12.65 -2.70 24.92
C THR A 657 11.78 -2.58 26.15
N ASP A 658 10.50 -2.32 25.94
CA ASP A 658 9.52 -2.40 27.02
C ASP A 658 8.22 -2.93 26.43
N LEU A 659 7.28 -3.30 27.29
CA LEU A 659 6.07 -3.93 26.78
C LEU A 659 5.08 -2.92 26.22
N HIS A 660 5.21 -1.65 26.62
CA HIS A 660 4.21 -0.67 26.24
C HIS A 660 4.48 0.03 24.92
N THR A 661 5.68 -0.15 24.37
CA THR A 661 6.02 0.45 23.07
C THR A 661 6.83 -0.52 22.23
N ILE A 662 7.03 -0.18 20.95
CA ILE A 662 8.08 -0.81 20.16
C ILE A 662 9.05 0.31 19.75
N PRO A 663 10.30 -0.05 19.46
CA PRO A 663 11.35 0.95 19.21
C PRO A 663 11.13 1.74 17.91
N VAL A 664 11.07 3.06 18.07
CA VAL A 664 10.85 4.00 16.98
C VAL A 664 11.82 5.17 17.14
N LEU A 665 12.58 5.45 16.10
CA LEU A 665 13.49 6.58 16.12
C LEU A 665 12.98 7.64 15.15
N VAL A 666 13.11 8.91 15.56
CA VAL A 666 12.78 10.04 14.71
C VAL A 666 14.05 10.66 14.13
N LYS A 667 14.04 10.90 12.83
CA LYS A 667 15.16 11.52 12.13
C LYS A 667 15.27 13.00 12.52
N ALA A 668 16.47 13.46 12.84
CA ALA A 668 16.69 14.89 13.05
C ALA A 668 16.19 15.65 11.82
N GLY A 669 15.49 16.76 12.07
CA GLY A 669 14.93 17.57 10.99
C GLY A 669 13.47 17.25 10.72
N ALA A 670 12.94 16.25 11.42
CA ALA A 670 11.54 15.87 11.25
C ALA A 670 10.59 16.91 11.79
N PHE A 671 9.50 17.17 11.04
CA PHE A 671 8.35 17.89 11.55
C PHE A 671 7.25 16.85 11.77
N MET A 672 6.92 16.56 13.02
CA MET A 672 5.86 15.60 13.33
C MET A 672 4.58 16.32 13.73
N PRO A 673 3.54 16.26 12.88
CA PRO A 673 2.30 17.00 13.12
C PRO A 673 1.23 16.14 13.78
N TYR A 674 0.53 16.72 14.76
CA TYR A 674 -0.56 16.04 15.45
C TYR A 674 -1.80 16.91 15.57
N VAL A 675 -2.95 16.27 15.64
CA VAL A 675 -4.16 16.94 16.08
C VAL A 675 -4.68 16.15 17.26
N PRO A 676 -5.64 16.72 18.00
CA PRO A 676 -6.20 15.99 19.13
C PRO A 676 -6.91 14.72 18.68
N ALA A 677 -6.85 13.70 19.52
CA ALA A 677 -7.48 12.43 19.23
C ALA A 677 -8.99 12.63 19.15
N VAL A 678 -9.63 12.00 18.17
CA VAL A 678 -11.09 11.97 18.12
C VAL A 678 -11.53 10.50 18.12
N SER A 679 -12.82 10.25 18.31
CA SER A 679 -13.35 8.89 18.30
C SER A 679 -13.57 8.34 16.90
N THR A 680 -13.76 9.24 15.93
CA THR A 680 -14.01 8.84 14.55
C THR A 680 -13.56 9.97 13.64
N THR A 681 -13.02 9.64 12.46
CA THR A 681 -12.58 10.67 11.53
C THR A 681 -13.73 11.57 11.05
N GLU A 682 -14.97 11.15 11.26
CA GLU A 682 -16.10 12.02 10.93
C GLU A 682 -16.07 13.29 11.80
N ASP A 683 -15.42 13.18 12.95
CA ASP A 683 -15.32 14.29 13.90
C ASP A 683 -14.01 15.07 13.73
N TYR A 684 -13.21 14.70 12.74
CA TYR A 684 -11.87 15.26 12.60
C TYR A 684 -11.89 16.80 12.52
N ARG A 685 -11.03 17.46 13.31
CA ARG A 685 -10.81 18.91 13.16
C ARG A 685 -9.31 19.19 13.10
N SER A 686 -8.90 20.20 12.35
CA SER A 686 -7.51 20.63 12.39
C SER A 686 -7.38 22.05 12.94
N ASP A 687 -8.39 22.50 13.67
CA ASP A 687 -8.36 23.83 14.32
C ASP A 687 -7.19 23.98 15.28
N SER A 688 -6.84 22.86 15.91
CA SER A 688 -5.72 22.79 16.86
C SER A 688 -4.65 21.89 16.29
N LEU A 689 -3.46 22.45 16.07
CA LEU A 689 -2.32 21.68 15.58
C LEU A 689 -1.22 21.68 16.63
N GLU A 690 -0.55 20.54 16.77
CA GLU A 690 0.63 20.45 17.60
C GLU A 690 1.72 19.83 16.75
N ILE A 691 2.81 20.56 16.58
CA ILE A 691 3.87 20.13 15.67
C ILE A 691 5.19 20.04 16.39
N HIS A 692 5.86 18.91 16.24
CA HIS A 692 7.11 18.69 16.93
C HIS A 692 8.24 18.67 15.93
N TYR A 693 9.16 19.61 16.10
CA TYR A 693 10.34 19.72 15.24
C TYR A 693 11.57 19.23 15.98
N TYR A 694 12.28 18.28 15.37
CA TYR A 694 13.47 17.72 16.00
C TYR A 694 14.74 18.40 15.51
N ALA A 695 15.18 19.41 16.25
CA ALA A 695 16.28 20.26 15.82
C ALA A 695 17.66 19.63 16.06
N ASP A 696 18.54 19.77 15.08
CA ASP A 696 19.95 19.47 15.26
C ASP A 696 20.82 20.23 14.27
N ALA A 697 21.94 20.79 14.74
CA ALA A 697 22.79 21.60 13.85
C ALA A 697 23.23 20.83 12.60
N SER A 698 23.20 19.51 12.68
CA SER A 698 23.63 18.65 11.58
C SER A 698 22.61 18.70 10.43
N VAL A 699 21.46 19.31 10.69
CA VAL A 699 20.43 19.46 9.67
C VAL A 699 20.15 20.95 9.51
N PRO A 700 20.92 21.62 8.65
CA PRO A 700 20.80 23.08 8.51
C PRO A 700 19.55 23.51 7.74
N LEU A 701 18.91 22.57 7.07
CA LEU A 701 17.71 22.87 6.29
C LEU A 701 16.77 21.68 6.35
N ALA A 702 15.53 21.91 6.74
CA ALA A 702 14.54 20.83 6.79
C ALA A 702 13.18 21.33 6.33
N GLN A 703 12.37 20.42 5.79
CA GLN A 703 11.05 20.80 5.32
C GLN A 703 9.99 19.80 5.75
N GLY A 704 8.79 20.31 5.97
CA GLY A 704 7.67 19.45 6.28
C GLY A 704 6.43 19.96 5.58
N GLU A 705 5.43 19.10 5.44
CA GLU A 705 4.16 19.54 4.89
C GLU A 705 3.03 18.80 5.58
N ILE A 706 1.86 19.42 5.59
CA ILE A 706 0.63 18.80 6.07
C ILE A 706 -0.46 19.03 5.04
N PHE A 707 -0.98 17.93 4.49
CA PHE A 707 -2.05 17.99 3.50
C PHE A 707 -3.41 17.93 4.18
N GLU A 708 -4.24 18.96 3.99
CA GLU A 708 -5.59 18.98 4.55
C GLU A 708 -6.62 19.14 3.44
N ASP A 709 -7.66 18.32 3.46
CA ASP A 709 -8.81 18.53 2.60
C ASP A 709 -10.04 18.07 3.35
N ASP A 710 -11.17 17.92 2.66
CA ASP A 710 -12.38 17.53 3.39
C ASP A 710 -12.43 16.04 3.77
N GLY A 711 -11.36 15.31 3.43
CA GLY A 711 -11.25 13.90 3.78
C GLY A 711 -12.06 12.95 2.93
N LYS A 712 -12.82 13.45 1.95
CA LYS A 712 -13.77 12.60 1.24
C LYS A 712 -13.90 12.84 -0.27
N ASP A 713 -13.52 14.02 -0.74
CA ASP A 713 -13.71 14.39 -2.16
C ASP A 713 -12.68 13.69 -3.04
N PRO A 714 -13.14 12.85 -3.97
CA PRO A 714 -12.19 12.14 -4.84
C PRO A 714 -11.50 13.09 -5.82
N ASN A 715 -12.06 14.29 -6.01
CA ASN A 715 -11.47 15.27 -6.92
C ASN A 715 -10.67 16.37 -6.23
N SER A 716 -10.45 16.23 -4.92
CA SER A 716 -9.81 17.32 -4.17
C SER A 716 -8.43 17.68 -4.72
N ILE A 717 -7.61 16.69 -5.03
CA ILE A 717 -6.26 16.98 -5.50
C ILE A 717 -6.26 17.61 -6.89
N LYS A 718 -7.03 17.03 -7.79
CA LYS A 718 -7.11 17.49 -9.17
C LYS A 718 -7.64 18.92 -9.26
N ARG A 719 -8.59 19.26 -8.39
CA ARG A 719 -9.22 20.57 -8.43
C ARG A 719 -8.58 21.54 -7.44
N ASN A 720 -7.49 21.12 -6.81
CA ASN A 720 -6.80 21.96 -5.82
C ASN A 720 -7.70 22.43 -4.69
N GLN A 721 -8.71 21.63 -4.36
CA GLN A 721 -9.57 21.95 -3.23
C GLN A 721 -8.94 21.39 -1.97
N PHE A 722 -7.80 21.95 -1.61
CA PHE A 722 -7.13 21.52 -0.40
C PHE A 722 -6.36 22.66 0.24
N ASP A 723 -5.83 22.39 1.42
CA ASP A 723 -5.07 23.35 2.21
C ASP A 723 -3.75 22.63 2.46
N LEU A 724 -2.72 22.99 1.70
CA LEU A 724 -1.41 22.36 1.87
C LEU A 724 -0.51 23.26 2.72
N LEU A 725 -0.22 22.82 3.94
CA LEU A 725 0.59 23.59 4.87
C LEU A 725 2.04 23.19 4.70
N THR A 726 2.95 24.16 4.66
CA THR A 726 4.37 23.83 4.53
C THR A 726 5.17 24.48 5.65
N LEU A 727 6.20 23.78 6.12
CA LEU A 727 7.10 24.33 7.12
C LEU A 727 8.54 24.15 6.65
N GLN A 728 9.34 25.20 6.78
CA GLN A 728 10.75 25.12 6.44
C GLN A 728 11.57 25.60 7.62
N ALA A 729 12.52 24.78 8.05
CA ALA A 729 13.42 25.19 9.13
C ALA A 729 14.79 25.47 8.55
N THR A 730 15.37 26.58 8.99
CA THR A 730 16.74 26.93 8.65
C THR A 730 17.53 27.06 9.95
N HIS A 731 18.52 26.20 10.12
CA HIS A 731 19.20 26.08 11.41
C HIS A 731 20.69 26.39 11.24
N THR A 732 21.09 27.55 11.74
CA THR A 732 22.50 27.95 11.67
C THR A 732 23.11 28.03 13.07
N ASP A 733 24.37 28.45 13.12
CA ASP A 733 25.10 28.54 14.39
C ASP A 733 24.35 29.34 15.45
N ASN A 734 23.76 30.48 15.07
CA ASN A 734 23.16 31.37 16.05
C ASN A 734 21.67 31.63 15.86
N GLN A 735 21.05 30.92 14.93
CA GLN A 735 19.66 31.21 14.62
C GLN A 735 18.92 29.94 14.19
N LEU A 736 17.63 29.92 14.48
CA LEU A 736 16.75 28.86 14.00
C LEU A 736 15.49 29.56 13.54
N HIS A 737 15.20 29.38 12.25
CA HIS A 737 14.21 30.18 11.54
C HIS A 737 13.17 29.23 10.94
N PHE A 738 11.88 29.54 11.14
CA PHE A 738 10.82 28.72 10.58
C PHE A 738 9.97 29.57 9.64
N GLN A 739 9.76 29.08 8.43
CA GLN A 739 8.90 29.74 7.47
C GLN A 739 7.67 28.87 7.22
N LEU A 740 6.49 29.42 7.51
CA LEU A 740 5.24 28.68 7.37
C LEU A 740 4.37 29.31 6.29
N ALA A 741 3.74 28.46 5.49
CA ALA A 741 2.90 28.94 4.39
C ALA A 741 1.78 27.95 4.10
N ARG A 742 0.75 28.42 3.40
CA ARG A 742 -0.34 27.55 2.94
C ARG A 742 -0.66 27.83 1.48
N THR A 743 -0.85 26.76 0.69
CA THR A 743 -1.32 26.89 -0.68
C THR A 743 -2.58 26.06 -0.90
N GLY A 744 -3.16 26.17 -2.09
CA GLY A 744 -4.39 25.48 -2.42
C GLY A 744 -5.61 26.40 -2.31
N LYS A 745 -6.72 25.98 -2.90
CA LYS A 745 -7.91 26.84 -2.91
C LYS A 745 -8.75 26.63 -1.66
N GLY A 746 -8.34 25.69 -0.83
CA GLY A 746 -9.07 25.38 0.39
C GLY A 746 -10.28 24.52 0.12
N TYR A 747 -11.11 24.33 1.13
CA TYR A 747 -12.24 23.41 1.06
C TYR A 747 -13.28 23.87 2.07
N ARG A 748 -14.51 23.38 1.92
CA ARG A 748 -15.57 23.74 2.85
C ARG A 748 -15.25 23.28 4.26
N GLY A 749 -15.33 24.19 5.21
CA GLY A 749 -15.04 23.88 6.59
C GLY A 749 -13.58 24.04 6.96
N MET A 750 -12.75 24.48 6.01
CA MET A 750 -11.33 24.70 6.32
C MET A 750 -11.21 25.83 7.35
N PRO A 751 -10.47 25.60 8.46
CA PRO A 751 -10.29 26.74 9.37
C PRO A 751 -9.40 27.83 8.77
N GLU A 752 -9.80 29.09 8.86
CA GLU A 752 -8.95 30.19 8.42
C GLU A 752 -7.70 30.31 9.28
N ARG A 753 -7.85 30.12 10.59
CA ARG A 753 -6.74 30.28 11.50
C ARG A 753 -6.66 29.04 12.39
N ARG A 754 -5.48 28.44 12.48
CA ARG A 754 -5.26 27.30 13.37
C ARG A 754 -4.40 27.69 14.57
N ALA A 755 -4.88 27.38 15.77
CA ALA A 755 -4.05 27.49 16.96
C ALA A 755 -2.92 26.46 16.82
N THR A 756 -1.67 26.90 16.91
CA THR A 756 -0.55 26.03 16.66
C THR A 756 0.43 26.04 17.84
N THR A 757 0.79 24.85 18.32
CA THR A 757 1.82 24.70 19.32
C THR A 757 2.99 24.00 18.64
N LEU A 758 4.11 24.71 18.52
CA LEU A 758 5.30 24.15 17.90
C LEU A 758 6.30 23.82 19.00
N VAL A 759 6.62 22.54 19.14
CA VAL A 759 7.55 22.10 20.17
C VAL A 759 8.88 21.74 19.54
N ILE A 760 9.92 22.48 19.88
CA ILE A 760 11.24 22.24 19.32
C ILE A 760 12.07 21.37 20.26
N HIS A 761 12.30 20.12 19.87
CA HIS A 761 13.10 19.19 20.66
C HIS A 761 14.57 19.47 20.42
N ASN A 762 15.38 19.20 21.45
CA ASN A 762 16.81 19.45 21.40
C ASN A 762 17.13 20.91 21.07
N ALA A 763 16.24 21.81 21.49
CA ALA A 763 16.46 23.23 21.28
C ALA A 763 17.62 23.76 22.11
N SER A 764 18.41 24.64 21.51
CA SER A 764 19.49 25.31 22.22
C SER A 764 18.95 26.06 23.43
N ASP A 765 19.69 26.05 24.54
CA ASP A 765 19.29 26.88 25.68
C ASP A 765 19.86 28.30 25.58
N GLN A 766 20.38 28.66 24.41
CA GLN A 766 20.98 29.98 24.26
CA GLN A 766 21.01 29.95 24.21
C GLN A 766 20.13 30.94 23.42
N TYR A 767 18.94 30.53 23.01
CA TYR A 767 18.05 31.45 22.32
C TYR A 767 17.48 32.45 23.33
N GLN A 768 17.64 33.73 23.03
CA GLN A 768 17.19 34.79 23.93
C GLN A 768 15.90 35.45 23.45
N HIS A 769 15.72 35.52 22.13
CA HIS A 769 14.48 36.10 21.61
C HIS A 769 13.90 35.42 20.39
N LEU A 770 12.61 35.68 20.21
CA LEU A 770 11.83 35.19 19.10
C LEU A 770 11.29 36.41 18.35
N ASP A 771 11.44 36.43 17.03
CA ASP A 771 10.70 37.39 16.21
C ASP A 771 9.59 36.62 15.51
N ILE A 772 8.38 37.14 15.57
CA ILE A 772 7.29 36.58 14.77
C ILE A 772 6.87 37.63 13.77
N ASN A 773 7.13 37.36 12.50
CA ASN A 773 6.91 38.37 11.46
C ASN A 773 7.57 39.70 11.81
N GLY A 774 8.73 39.64 12.45
CA GLY A 774 9.51 40.83 12.75
C GLY A 774 9.24 41.47 14.09
N LYS A 775 8.17 41.05 14.76
CA LYS A 775 7.87 41.52 16.10
C LYS A 775 8.57 40.64 17.16
N THR A 776 9.46 41.26 17.92
CA THR A 776 10.27 40.58 18.92
C THR A 776 9.48 40.22 20.16
N ILE A 777 9.62 38.98 20.62
CA ILE A 777 8.94 38.47 21.81
C ILE A 777 9.95 37.78 22.73
N ALA A 778 9.89 38.04 24.04
CA ALA A 778 10.79 37.37 24.98
C ALA A 778 10.47 35.88 25.16
N ILE A 779 11.52 35.07 25.31
CA ILE A 779 11.36 33.64 25.59
C ILE A 779 11.45 33.41 27.09
N ALA A 780 10.36 32.96 27.70
CA ALA A 780 10.35 32.64 29.12
C ALA A 780 11.22 31.39 29.38
N GLN A 781 11.79 31.29 30.58
CA GLN A 781 12.74 30.23 30.87
C GLN A 781 12.30 29.45 32.10
N ALA A 782 11.00 29.50 32.39
CA ALA A 782 10.44 28.83 33.56
C ALA A 782 8.94 28.62 33.38
N ASP A 783 8.40 27.62 34.06
CA ASP A 783 6.95 27.44 34.15
C ASP A 783 6.30 27.31 32.78
N CYS A 784 7.00 26.66 31.88
CA CYS A 784 6.52 26.53 30.50
C CYS A 784 5.19 25.78 30.41
N ALA A 785 5.02 24.78 31.27
CA ALA A 785 3.81 23.97 31.25
C ALA A 785 2.71 24.56 32.12
N SER A 786 3.05 25.56 32.94
CA SER A 786 2.11 26.13 33.90
C SER A 786 1.64 27.59 33.64
N THR A 787 1.92 28.12 32.46
CA THR A 787 1.46 29.46 32.10
C THR A 787 1.06 29.46 30.64
N PRO A 788 0.16 30.38 30.24
CA PRO A 788 -0.25 30.46 28.83
C PRO A 788 0.77 31.20 27.97
N ALA A 789 2.03 30.78 28.09
CA ALA A 789 3.16 31.48 27.49
C ALA A 789 3.22 31.36 25.97
N LEU A 790 3.64 32.43 25.32
CA LEU A 790 3.74 32.42 23.86
C LEU A 790 5.03 31.71 23.46
N ALA A 791 6.10 31.96 24.20
CA ALA A 791 7.37 31.25 23.94
C ALA A 791 8.02 30.90 25.25
N CYS A 792 8.35 29.63 25.44
CA CYS A 792 8.98 29.22 26.69
CA CYS A 792 9.00 29.24 26.69
C CYS A 792 9.94 28.06 26.51
N TYR A 793 11.04 28.08 27.24
CA TYR A 793 12.05 27.04 27.16
C TYR A 793 12.02 26.21 28.44
N ASP A 794 11.89 24.91 28.26
CA ASP A 794 11.87 23.97 29.35
C ASP A 794 13.27 23.36 29.44
N GLN A 795 14.05 23.79 30.43
CA GLN A 795 15.46 23.40 30.53
C GLN A 795 15.65 21.92 30.86
N GLU A 796 14.70 21.35 31.60
CA GLU A 796 14.80 19.96 32.00
C GLU A 796 14.52 19.03 30.80
N ARG A 797 13.72 19.49 29.84
CA ARG A 797 13.41 18.68 28.67
C ARG A 797 14.13 19.13 27.39
N ARG A 798 14.85 20.24 27.43
CA ARG A 798 15.48 20.81 26.24
C ARG A 798 14.46 20.99 25.12
N GLN A 799 13.28 21.45 25.51
CA GLN A 799 12.21 21.73 24.57
C GLN A 799 11.84 23.21 24.63
N LEU A 800 11.77 23.83 23.46
CA LEU A 800 11.34 25.21 23.34
C LEU A 800 9.96 25.21 22.69
N GLN A 801 8.97 25.72 23.41
CA GLN A 801 7.59 25.72 22.92
C GLN A 801 7.11 27.09 22.48
N LEU A 802 6.60 27.16 21.25
CA LEU A 802 6.04 28.38 20.68
C LEU A 802 4.55 28.16 20.44
N VAL A 803 3.71 29.05 20.93
CA VAL A 803 2.26 28.91 20.69
C VAL A 803 1.78 30.14 19.95
N PHE A 804 1.10 29.94 18.82
CA PHE A 804 0.73 31.08 17.97
C PHE A 804 -0.48 30.74 17.11
N THR A 805 -0.89 31.70 16.28
CA THR A 805 -2.04 31.52 15.39
C THR A 805 -1.51 31.42 13.96
N TRP A 806 -1.83 30.33 13.29
CA TRP A 806 -1.37 30.15 11.93
C TRP A 806 -2.52 30.44 10.98
N GLY A 807 -2.51 31.63 10.42
CA GLY A 807 -3.55 32.08 9.52
C GLY A 807 -3.18 31.78 8.08
N ARG A 808 -3.83 32.46 7.16
CA ARG A 808 -3.65 32.13 5.74
C ARG A 808 -2.39 32.77 5.15
N GLU A 809 -1.95 33.87 5.75
CA GLU A 809 -0.74 34.55 5.29
C GLU A 809 0.54 33.87 5.78
N ALA A 810 1.61 34.09 5.04
CA ALA A 810 2.92 33.57 5.39
C ALA A 810 3.29 34.01 6.80
N LEU A 811 3.98 33.14 7.52
CA LEU A 811 4.32 33.38 8.91
C LEU A 811 5.78 32.97 9.09
N ASN A 812 6.58 33.88 9.63
CA ASN A 812 7.98 33.58 9.88
C ASN A 812 8.32 33.67 11.37
N LEU A 813 8.97 32.64 11.90
CA LEU A 813 9.38 32.63 13.30
C LEU A 813 10.90 32.52 13.37
N ARG A 814 11.55 33.51 13.98
CA ARG A 814 13.01 33.51 14.08
C ARG A 814 13.47 33.48 15.52
N LEU A 815 14.21 32.44 15.89
CA LEU A 815 14.88 32.38 17.17
C LEU A 815 16.35 32.81 17.02
N HIS A 816 16.82 33.69 17.90
CA HIS A 816 18.16 34.28 17.80
C HIS A 816 18.89 34.11 19.13
N LYS A 817 20.15 33.72 19.10
CA LYS A 817 20.97 33.74 20.31
C LYS A 817 21.50 35.15 20.56
C1 GLC B . -3.10 -26.48 7.24
C2 GLC B . -3.39 -26.93 5.82
C3 GLC B . -4.87 -26.79 5.48
C4 GLC B . -5.70 -26.05 6.53
C5 GLC B . -5.30 -26.31 7.98
C6 GLC B . -6.41 -26.95 8.80
O1 GLC B . -1.80 -26.94 7.63
O2 GLC B . -2.61 -26.17 4.88
O3 GLC B . -4.98 -26.09 4.23
O4 GLC B . -7.07 -26.43 6.37
O5 GLC B . -4.11 -27.08 8.06
O6 GLC B . -7.21 -25.95 9.44
C1 GLC B . -7.83 -25.31 5.93
C2 GLC B . -8.34 -25.45 4.52
C3 GLC B . -8.65 -24.01 4.11
C4 GLC B . -9.67 -23.42 5.08
C5 GLC B . -9.37 -23.71 6.55
C6 GLC B . -10.60 -23.44 7.40
O2 GLC B . -7.38 -26.04 3.64
O3 GLC B . -9.23 -23.95 2.80
O4 GLC B . -9.71 -22.00 4.88
O5 GLC B . -8.97 -25.08 6.73
O6 GLC B . -10.23 -23.25 8.76
C1 AC1 B . -10.98 -21.52 4.47
O2 AC1 B . -10.07 -21.43 2.24
C2 AC1 B . -10.80 -20.67 3.21
C4A AC1 B . -12.22 -14.14 6.00
C3 AC1 B . -10.04 -19.37 3.50
O3 AC1 B . -9.99 -18.56 2.31
C4 AC1 B . -10.74 -18.62 4.62
N4A AC1 B . -10.18 -17.26 4.82
C5 AC1 B . -10.72 -19.55 5.84
O5 AC1 B . -11.51 -20.72 5.55
C6 AC1 B . -11.27 -18.88 7.09
C1B AC1 B . -10.85 -16.12 4.15
C2B AC1 B . -10.37 -14.69 4.42
O2B AC1 B . -8.98 -14.52 4.10
C3B AC1 B . -10.70 -14.21 5.84
O3B AC1 B . -10.19 -12.89 6.11
O4 AC1 B . -12.51 -14.03 7.39
C5B AC1 B . -12.89 -15.38 5.42
C7B AC1 B . -12.33 -16.14 4.45
C6B AC1 B . -14.25 -15.78 5.94
O6B AC1 B . -15.24 -15.10 5.17
S SO4 C . -34.63 -2.18 8.01
O1 SO4 C . -33.67 -2.97 7.24
O2 SO4 C . -35.29 -1.21 7.14
O3 SO4 C . -35.60 -3.07 8.64
O4 SO4 C . -33.92 -1.47 9.07
S SO4 D . -2.80 -4.88 -28.13
O1 SO4 D . -2.50 -6.29 -27.92
O2 SO4 D . -3.00 -4.62 -29.55
O3 SO4 D . -4.02 -4.55 -27.41
O4 SO4 D . -1.68 -4.07 -27.65
S SO4 E . 24.38 32.78 11.86
O1 SO4 E . 25.33 31.66 11.89
O2 SO4 E . 24.12 33.18 10.49
O3 SO4 E . 23.13 32.37 12.49
O4 SO4 E . 24.95 33.90 12.62
S SO4 F . -6.07 35.46 8.80
O1 SO4 F . -5.94 34.25 8.00
O2 SO4 F . -6.01 36.61 7.89
O3 SO4 F . -7.36 35.48 9.52
O4 SO4 F . -4.98 35.57 9.77
S SO4 G . 6.26 18.28 35.76
O1 SO4 G . 6.01 17.07 36.55
O2 SO4 G . 7.09 17.95 34.60
O3 SO4 G . 5.00 18.84 35.30
O4 SO4 G . 6.95 19.26 36.60
C1 OXL H . 22.90 24.70 19.26
C2 OXL H . 22.99 24.41 20.70
O1 OXL H . 22.89 25.89 18.88
O2 OXL H . 23.32 25.28 21.52
O3 OXL H . 22.82 23.77 18.44
O4 OXL H . 22.71 23.25 21.07
C1 PEG I . 4.75 10.23 22.17
O1 PEG I . 3.55 9.45 22.33
C2 PEG I . 4.67 11.06 20.89
O2 PEG I . 3.35 11.59 20.76
C3 PEG I . 3.38 13.01 20.61
C4 PEG I . 2.01 13.56 21.00
O4 PEG I . 2.15 14.73 21.81
C1 EDO J . 2.37 7.11 23.67
O1 EDO J . 1.23 7.86 23.23
C2 EDO J . 1.98 6.12 24.76
O2 EDO J . 3.17 5.59 25.36
C1 EDO K . 2.05 34.44 0.88
O1 EDO K . 2.14 33.19 1.59
C2 EDO K . 0.91 35.27 1.44
O2 EDO K . 1.30 35.87 2.67
C1 EDO L . -17.70 17.86 14.74
O1 EDO L . -17.75 16.84 15.75
C2 EDO L . -16.53 17.64 13.79
O2 EDO L . -16.66 18.48 12.64
C1 EDO M . 5.62 -22.54 -0.07
O1 EDO M . 5.73 -23.24 -1.31
C2 EDO M . 5.49 -23.56 1.05
O2 EDO M . 5.98 -22.99 2.28
C1 EDO N . 12.71 7.70 4.22
O1 EDO N . 11.68 7.73 3.22
C2 EDO N . 13.97 7.04 3.68
O2 EDO N . 14.90 8.01 3.20
C1 EDO O . -32.16 -3.63 16.86
O1 EDO O . -31.82 -4.89 17.44
C2 EDO O . -33.31 -3.00 17.63
O2 EDO O . -33.84 -1.91 16.87
C1 EDO P . -0.07 -22.62 -0.45
O1 EDO P . 0.04 -21.50 -1.35
C2 EDO P . 1.30 -23.21 -0.22
O2 EDO P . 2.30 -22.25 -0.62
C1 EDO Q . -3.16 -16.77 -25.37
O1 EDO Q . -3.77 -18.06 -25.40
C2 EDO Q . -4.21 -15.68 -25.18
O2 EDO Q . -3.57 -14.40 -25.23
C1 EDO R . 6.23 23.96 34.27
O1 EDO R . 7.13 23.17 33.49
C2 EDO R . 6.76 24.10 35.69
O2 EDO R . 6.07 25.13 36.39
C1 EDO S . -5.19 8.32 26.74
O1 EDO S . -5.61 6.98 26.96
C2 EDO S . -3.80 8.30 26.08
O2 EDO S . -3.72 9.27 25.03
C1 EDO T . -17.74 -15.21 21.44
O1 EDO T . -16.97 -14.27 20.68
C2 EDO T . -18.97 -14.52 22.05
O2 EDO T . -19.80 -14.00 21.01
C1 EDO U . -5.63 -25.36 -2.14
O1 EDO U . -5.51 -24.94 -3.50
C2 EDO U . -4.42 -26.21 -1.74
O2 EDO U . -4.55 -26.66 -0.38
C1 EDO V . -2.67 10.93 -12.31
O1 EDO V . -3.26 9.67 -11.96
C2 EDO V . -1.15 10.78 -12.35
O2 EDO V . -0.79 9.89 -13.43
C1 EDO W . 22.00 8.37 -1.58
O1 EDO W . 21.26 7.15 -1.45
C2 EDO W . 23.26 8.10 -2.39
O2 EDO W . 22.90 7.84 -3.75
C1 EDO X . -19.50 -21.36 16.86
O1 EDO X . -18.75 -21.88 15.77
C2 EDO X . -20.92 -21.93 16.83
O2 EDO X . -21.48 -21.75 15.53
#